data_6TZE
#
_entry.id   6TZE
#
_entity_poly.entity_id   1
_entity_poly.type   'polypeptide(L)'
_entity_poly.pdbx_seq_one_letter_code
;GGSMAGLTVRDPAVDRSLRSVFVGNIPYEATEEQLKDIFSEVGPVVSFRLVYARETGKPKGYGFCEYQDQETALSAMRNL
NGREFSGRALRVDNAASEKNKEELKSLGTG
;
_entity_poly.pdbx_strand_id   A
#
# COMPACT_ATOMS: atom_id res chain seq x y z
N MET A 4 15.00 -8.17 8.97
CA MET A 4 14.38 -9.35 8.39
C MET A 4 15.39 -10.48 8.21
N ALA A 5 16.10 -10.45 7.09
CA ALA A 5 17.09 -11.48 6.78
C ALA A 5 18.30 -11.37 7.68
N GLY A 6 18.66 -10.14 8.05
CA GLY A 6 19.85 -9.89 8.85
C GLY A 6 21.10 -9.88 7.98
N LEU A 7 20.92 -9.67 6.68
CA LEU A 7 22.03 -9.67 5.73
C LEU A 7 22.29 -8.27 5.18
N THR A 8 23.53 -8.03 4.77
CA THR A 8 23.90 -6.75 4.18
C THR A 8 23.24 -6.55 2.83
N VAL A 9 22.52 -5.43 2.69
CA VAL A 9 21.85 -5.11 1.43
C VAL A 9 22.31 -3.74 0.91
N ARG A 10 22.79 -3.73 -0.33
CA ARG A 10 23.29 -2.50 -0.93
C ARG A 10 22.19 -1.80 -1.74
N ASP A 11 21.13 -2.54 -2.04
CA ASP A 11 20.00 -1.98 -2.78
C ASP A 11 18.93 -1.43 -1.84
N PRO A 12 18.77 -0.11 -1.86
CA PRO A 12 17.85 0.56 -0.93
C PRO A 12 16.41 0.30 -1.31
N ALA A 13 16.20 -0.16 -2.55
CA ALA A 13 14.86 -0.48 -3.03
C ALA A 13 14.26 -1.65 -2.24
N VAL A 14 15.12 -2.46 -1.66
CA VAL A 14 14.67 -3.58 -0.83
C VAL A 14 14.01 -3.08 0.45
N ASP A 15 14.67 -2.16 1.14
CA ASP A 15 14.13 -1.56 2.34
C ASP A 15 12.85 -0.78 2.05
N ARG A 16 12.82 -0.12 0.89
CA ARG A 16 11.64 0.61 0.45
C ARG A 16 10.48 -0.33 0.18
N SER A 17 10.79 -1.49 -0.38
CA SER A 17 9.78 -2.51 -0.64
C SER A 17 9.24 -3.10 0.65
N LEU A 18 10.13 -3.27 1.63
CA LEU A 18 9.75 -3.84 2.91
C LEU A 18 8.85 -2.89 3.70
N ARG A 19 9.14 -1.60 3.61
CA ARG A 19 8.38 -0.59 4.33
C ARG A 19 7.17 -0.14 3.53
N SER A 20 6.98 -0.74 2.36
CA SER A 20 5.78 -0.51 1.56
C SER A 20 4.79 -1.65 1.71
N VAL A 21 3.51 -1.33 1.57
CA VAL A 21 2.45 -2.34 1.62
C VAL A 21 1.56 -2.28 0.39
N PHE A 22 0.93 -3.40 0.07
CA PHE A 22 -0.06 -3.43 -1.01
C PHE A 22 -1.47 -3.36 -0.46
N VAL A 23 -2.23 -2.36 -0.90
CA VAL A 23 -3.57 -2.12 -0.36
C VAL A 23 -4.65 -2.45 -1.39
N GLY A 24 -5.61 -3.27 -0.99
CA GLY A 24 -6.70 -3.65 -1.88
C GLY A 24 -8.04 -3.49 -1.20
N ASN A 25 -9.11 -3.84 -1.92
CA ASN A 25 -10.47 -3.63 -1.41
C ASN A 25 -10.73 -2.16 -1.11
N ILE A 26 -10.30 -1.29 -2.01
CA ILE A 26 -10.53 0.14 -1.86
C ILE A 26 -11.80 0.56 -2.60
N PRO A 27 -12.72 1.18 -1.88
CA PRO A 27 -13.95 1.70 -2.48
C PRO A 27 -13.64 2.62 -3.65
N TYR A 28 -14.40 2.47 -4.72
CA TYR A 28 -14.21 3.29 -5.92
C TYR A 28 -14.63 4.73 -5.66
N GLU A 29 -15.38 4.94 -4.58
CA GLU A 29 -15.79 6.28 -4.18
C GLU A 29 -14.72 6.95 -3.33
N ALA A 30 -13.75 6.16 -2.88
CA ALA A 30 -12.68 6.68 -2.04
C ALA A 30 -11.59 7.33 -2.88
N THR A 31 -11.00 8.39 -2.34
CA THR A 31 -9.92 9.09 -3.03
C THR A 31 -8.58 8.83 -2.36
N GLU A 32 -7.50 9.30 -2.99
CA GLU A 32 -6.16 9.19 -2.42
C GLU A 32 -6.03 10.03 -1.17
N GLU A 33 -6.80 11.11 -1.10
CA GLU A 33 -6.81 11.97 0.08
C GLU A 33 -7.51 11.29 1.25
N GLN A 34 -8.55 10.53 0.95
CA GLN A 34 -9.22 9.71 1.95
C GLN A 34 -8.31 8.58 2.44
N LEU A 35 -7.62 7.95 1.50
CA LEU A 35 -6.64 6.92 1.84
C LEU A 35 -5.47 7.51 2.62
N LYS A 36 -5.06 8.72 2.26
CA LYS A 36 -4.03 9.43 3.00
C LYS A 36 -4.31 9.46 4.49
N ASP A 37 -5.53 9.88 4.84
CA ASP A 37 -5.96 9.88 6.23
C ASP A 37 -5.89 8.49 6.84
N ILE A 38 -6.41 7.50 6.11
CA ILE A 38 -6.39 6.12 6.57
C ILE A 38 -4.96 5.66 6.86
N PHE A 39 -4.02 6.08 6.02
CA PHE A 39 -2.63 5.68 6.18
C PHE A 39 -1.97 6.43 7.33
N SER A 40 -2.35 7.70 7.49
CA SER A 40 -1.73 8.55 8.51
C SER A 40 -2.12 8.10 9.91
N GLU A 41 -3.25 7.40 10.02
CA GLU A 41 -3.68 6.83 11.29
C GLU A 41 -2.71 5.76 11.77
N VAL A 42 -2.03 5.13 10.82
CA VAL A 42 -1.03 4.11 11.15
C VAL A 42 0.28 4.75 11.60
N GLY A 43 0.78 5.68 10.79
CA GLY A 43 2.02 6.37 11.10
C GLY A 43 2.49 7.22 9.93
N PRO A 44 3.70 7.75 10.03
CA PRO A 44 4.26 8.62 9.00
C PRO A 44 4.35 7.89 7.66
N VAL A 45 4.04 8.60 6.58
CA VAL A 45 3.98 7.99 5.26
C VAL A 45 4.92 8.69 4.29
N VAL A 46 5.66 7.90 3.52
CA VAL A 46 6.53 8.44 2.48
C VAL A 46 5.74 8.74 1.21
N SER A 47 5.02 7.73 0.72
CA SER A 47 4.30 7.86 -0.54
C SER A 47 3.13 6.89 -0.60
N PHE A 48 2.25 7.09 -1.59
CA PHE A 48 1.13 6.19 -1.80
C PHE A 48 0.43 6.49 -3.12
N ARG A 49 -0.29 5.50 -3.65
CA ARG A 49 -0.97 5.64 -4.93
C ARG A 49 -2.23 4.80 -4.99
N LEU A 50 -3.29 5.36 -5.57
CA LEU A 50 -4.48 4.59 -5.88
C LEU A 50 -4.61 4.37 -7.39
N VAL A 51 -4.60 3.11 -7.80
CA VAL A 51 -4.63 2.77 -9.22
C VAL A 51 -6.05 2.78 -9.76
N TYR A 52 -6.24 3.37 -10.94
CA TYR A 52 -7.57 3.55 -11.50
C TYR A 52 -7.57 3.25 -12.99
N ALA A 53 -8.77 3.02 -13.54
CA ALA A 53 -8.90 2.71 -14.96
C ALA A 53 -8.72 3.95 -15.82
N ARG A 54 -7.88 3.84 -16.84
CA ARG A 54 -7.58 4.96 -17.72
C ARG A 54 -8.71 5.20 -18.71
N GLU A 55 -9.88 5.55 -18.18
CA GLU A 55 -11.06 5.78 -19.00
C GLU A 55 -12.04 6.72 -18.33
N THR A 56 -12.89 6.16 -17.47
CA THR A 56 -13.82 6.97 -16.68
C THR A 56 -13.15 7.55 -15.46
N GLY A 57 -12.04 6.94 -15.05
CA GLY A 57 -11.30 7.40 -13.88
C GLY A 57 -11.65 6.57 -12.65
N LYS A 58 -12.57 5.62 -12.82
CA LYS A 58 -12.99 4.77 -11.72
C LYS A 58 -11.84 3.96 -11.16
N PRO A 59 -11.57 4.12 -9.87
CA PRO A 59 -10.53 3.37 -9.19
C PRO A 59 -10.72 1.87 -9.36
N LYS A 60 -9.62 1.15 -9.51
CA LYS A 60 -9.66 -0.31 -9.61
C LYS A 60 -9.84 -0.95 -8.24
N GLY A 61 -9.56 -0.19 -7.20
CA GLY A 61 -9.74 -0.66 -5.83
C GLY A 61 -8.45 -1.22 -5.26
N TYR A 62 -7.34 -0.96 -5.95
CA TYR A 62 -6.03 -1.45 -5.53
C TYR A 62 -4.98 -0.34 -5.58
N GLY A 63 -3.98 -0.45 -4.73
CA GLY A 63 -2.89 0.52 -4.70
C GLY A 63 -1.77 0.06 -3.78
N PHE A 64 -0.99 1.03 -3.29
CA PHE A 64 0.10 0.73 -2.36
C PHE A 64 0.42 1.95 -1.49
N CYS A 65 1.13 1.71 -0.40
CA CYS A 65 1.53 2.78 0.51
C CYS A 65 2.92 2.55 1.07
N GLU A 66 3.81 3.52 0.89
CA GLU A 66 5.15 3.45 1.43
C GLU A 66 5.27 4.22 2.74
N TYR A 67 5.60 3.52 3.81
CA TYR A 67 5.72 4.13 5.13
C TYR A 67 7.17 4.50 5.43
N GLN A 68 7.36 5.39 6.41
CA GLN A 68 8.68 5.87 6.76
C GLN A 68 9.44 4.86 7.61
N ASP A 69 8.75 3.79 8.00
CA ASP A 69 9.34 2.73 8.81
C ASP A 69 8.73 1.38 8.49
N GLN A 70 9.56 0.34 8.50
CA GLN A 70 9.11 -1.01 8.19
C GLN A 70 8.12 -1.51 9.22
N GLU A 71 8.33 -1.14 10.48
CA GLU A 71 7.44 -1.54 11.56
C GLU A 71 6.10 -0.83 11.46
N THR A 72 6.13 0.43 11.01
CA THR A 72 4.91 1.16 10.73
C THR A 72 4.10 0.51 9.61
N ALA A 73 4.81 0.04 8.59
CA ALA A 73 4.19 -0.74 7.52
C ALA A 73 3.56 -2.01 8.05
N LEU A 74 4.25 -2.67 8.97
CA LEU A 74 3.71 -3.86 9.63
C LEU A 74 2.49 -3.53 10.47
N SER A 75 2.51 -2.35 11.09
CA SER A 75 1.36 -1.88 11.86
C SER A 75 0.13 -1.73 10.99
N ALA A 76 0.34 -1.24 9.77
CA ALA A 76 -0.73 -1.19 8.77
C ALA A 76 -1.26 -2.58 8.46
N MET A 77 -0.35 -3.53 8.29
CA MET A 77 -0.73 -4.91 8.05
C MET A 77 -1.49 -5.49 9.23
N ARG A 78 -1.16 -5.03 10.43
CA ARG A 78 -1.85 -5.45 11.63
C ARG A 78 -3.22 -4.80 11.75
N ASN A 79 -3.28 -3.49 11.46
CA ASN A 79 -4.43 -2.69 11.80
C ASN A 79 -5.40 -2.59 10.62
N LEU A 80 -4.87 -2.18 9.47
CA LEU A 80 -5.71 -1.84 8.32
C LEU A 80 -6.22 -3.09 7.62
N ASN A 81 -5.41 -4.14 7.64
CA ASN A 81 -5.79 -5.42 7.04
C ASN A 81 -6.94 -6.06 7.78
N GLY A 82 -8.12 -6.05 7.17
CA GLY A 82 -9.32 -6.61 7.79
C GLY A 82 -10.20 -5.50 8.38
N ARG A 83 -9.75 -4.27 8.24
CA ARG A 83 -10.50 -3.12 8.74
C ARG A 83 -11.46 -2.58 7.68
N GLU A 84 -12.73 -2.50 8.03
CA GLU A 84 -13.74 -2.00 7.11
C GLU A 84 -13.49 -0.56 6.73
N PHE A 85 -13.40 -0.30 5.44
CA PHE A 85 -13.30 1.08 4.94
C PHE A 85 -14.47 1.42 4.03
N SER A 86 -15.45 2.12 4.59
CA SER A 86 -16.64 2.52 3.83
C SER A 86 -17.29 1.32 3.17
N GLY A 87 -17.28 0.18 3.87
CA GLY A 87 -18.01 -1.00 3.43
C GLY A 87 -17.04 -2.10 2.99
N ARG A 88 -15.85 -1.70 2.55
CA ARG A 88 -14.87 -2.64 2.02
C ARG A 88 -13.73 -2.86 3.00
N ALA A 89 -13.63 -4.07 3.53
CA ALA A 89 -12.52 -4.44 4.41
C ALA A 89 -11.21 -4.45 3.65
N LEU A 90 -10.28 -3.59 4.07
CA LEU A 90 -9.04 -3.39 3.33
C LEU A 90 -8.13 -4.60 3.43
N ARG A 91 -7.45 -4.92 2.34
CA ARG A 91 -6.37 -5.90 2.36
C ARG A 91 -5.01 -5.23 2.28
N VAL A 92 -4.21 -5.37 3.33
CA VAL A 92 -2.89 -4.75 3.38
C VAL A 92 -1.81 -5.81 3.57
N ASP A 93 -1.03 -6.05 2.52
CA ASP A 93 0.05 -7.03 2.56
C ASP A 93 1.40 -6.37 2.40
N ASN A 94 2.47 -7.14 2.62
CA ASN A 94 3.82 -6.66 2.42
C ASN A 94 4.17 -6.60 0.95
N ALA A 95 4.46 -5.39 0.47
CA ALA A 95 4.67 -5.17 -0.96
C ALA A 95 5.91 -5.91 -1.45
N ALA A 96 6.81 -6.24 -0.53
CA ALA A 96 8.03 -6.94 -0.86
C ALA A 96 7.75 -8.38 -1.28
N SER A 97 6.58 -8.88 -0.90
CA SER A 97 6.19 -10.24 -1.25
C SER A 97 6.04 -10.41 -2.75
N GLU A 98 6.53 -11.54 -3.26
CA GLU A 98 6.51 -11.80 -4.69
C GLU A 98 5.10 -11.69 -5.26
N LYS A 99 4.15 -12.31 -4.58
CA LYS A 99 2.75 -12.28 -5.02
C LYS A 99 2.25 -10.85 -5.17
N ASN A 100 2.51 -10.03 -4.17
CA ASN A 100 2.01 -8.66 -4.15
C ASN A 100 2.72 -7.79 -5.18
N LYS A 101 3.99 -8.12 -5.43
CA LYS A 101 4.75 -7.45 -6.48
C LYS A 101 4.17 -7.76 -7.86
N GLU A 102 3.76 -9.00 -8.06
CA GLU A 102 3.11 -9.41 -9.30
C GLU A 102 1.75 -8.74 -9.45
N GLU A 103 1.08 -8.51 -8.32
CA GLU A 103 -0.16 -7.74 -8.31
C GLU A 103 0.08 -6.30 -8.71
N LEU A 104 1.19 -5.73 -8.25
CA LEU A 104 1.60 -4.39 -8.64
C LEU A 104 1.93 -4.34 -10.14
N LYS A 105 2.53 -5.40 -10.64
CA LYS A 105 2.80 -5.52 -12.07
C LYS A 105 1.50 -5.54 -12.88
N SER A 106 0.51 -6.26 -12.37
CA SER A 106 -0.80 -6.30 -13.00
C SER A 106 -1.45 -4.92 -13.03
N LEU A 107 -1.28 -4.18 -11.94
CA LEU A 107 -1.77 -2.81 -11.86
C LEU A 107 -0.99 -1.89 -12.79
N GLY A 108 0.29 -2.19 -12.96
CA GLY A 108 1.15 -1.40 -13.85
C GLY A 108 1.80 -0.24 -13.11
N THR A 109 2.16 -0.48 -11.84
CA THR A 109 2.76 0.56 -11.02
C THR A 109 4.29 0.49 -11.09
N GLY A 110 4.80 -0.68 -11.45
CA GLY A 110 6.25 -0.88 -11.54
C GLY A 110 6.70 -2.04 -10.67
N MET A 4 11.90 -0.72 17.23
CA MET A 4 10.99 -0.59 16.10
C MET A 4 10.87 -1.92 15.35
N ALA A 5 11.12 -1.88 14.05
CA ALA A 5 11.03 -3.07 13.22
C ALA A 5 12.12 -4.08 13.57
N GLY A 6 13.29 -3.57 13.92
CA GLY A 6 14.44 -4.42 14.23
C GLY A 6 15.27 -4.71 12.99
N LEU A 7 14.95 -4.02 11.90
CA LEU A 7 15.67 -4.21 10.64
C LEU A 7 17.08 -3.64 10.72
N THR A 8 18.07 -4.50 10.44
CA THR A 8 19.47 -4.08 10.50
C THR A 8 19.96 -3.60 9.14
N VAL A 9 19.18 -3.87 8.11
CA VAL A 9 19.53 -3.46 6.75
C VAL A 9 19.46 -1.95 6.60
N ARG A 10 20.45 -1.38 5.93
CA ARG A 10 20.52 0.06 5.73
C ARG A 10 20.74 0.40 4.26
N ASP A 11 19.73 0.16 3.44
CA ASP A 11 19.83 0.38 2.00
C ASP A 11 18.45 0.65 1.39
N PRO A 12 18.20 1.90 1.05
CA PRO A 12 16.90 2.30 0.50
C PRO A 12 16.52 1.44 -0.69
N ALA A 13 17.52 0.94 -1.40
CA ALA A 13 17.29 0.17 -2.62
C ALA A 13 16.34 -1.00 -2.36
N VAL A 14 16.32 -1.48 -1.13
CA VAL A 14 15.45 -2.57 -0.75
C VAL A 14 14.54 -2.17 0.41
N ASP A 15 15.01 -1.23 1.23
CA ASP A 15 14.27 -0.83 2.42
C ASP A 15 12.98 -0.10 2.07
N ARG A 16 13.00 0.61 0.93
CA ARG A 16 11.82 1.33 0.48
C ARG A 16 10.71 0.38 0.07
N SER A 17 11.10 -0.79 -0.42
CA SER A 17 10.13 -1.82 -0.80
C SER A 17 9.61 -2.58 0.43
N LEU A 18 10.45 -2.65 1.47
CA LEU A 18 10.07 -3.28 2.71
C LEU A 18 9.03 -2.45 3.46
N ARG A 19 9.17 -1.13 3.37
CA ARG A 19 8.25 -0.21 4.04
C ARG A 19 7.05 0.10 3.17
N SER A 20 7.00 -0.52 1.99
CA SER A 20 5.86 -0.38 1.10
C SER A 20 4.88 -1.54 1.27
N VAL A 21 3.59 -1.24 1.12
CA VAL A 21 2.55 -2.26 1.24
C VAL A 21 1.63 -2.26 0.03
N PHE A 22 0.92 -3.37 -0.17
CA PHE A 22 -0.09 -3.45 -1.22
C PHE A 22 -1.50 -3.44 -0.62
N VAL A 23 -2.35 -2.58 -1.16
CA VAL A 23 -3.69 -2.37 -0.59
C VAL A 23 -4.77 -2.75 -1.59
N GLY A 24 -5.79 -3.46 -1.10
CA GLY A 24 -6.89 -3.88 -1.95
C GLY A 24 -8.24 -3.56 -1.31
N ASN A 25 -9.32 -3.91 -2.01
CA ASN A 25 -10.66 -3.62 -1.52
C ASN A 25 -10.89 -2.12 -1.35
N ILE A 26 -10.34 -1.33 -2.27
CA ILE A 26 -10.45 0.11 -2.21
C ILE A 26 -11.66 0.61 -2.97
N PRO A 27 -12.58 1.27 -2.27
CA PRO A 27 -13.76 1.85 -2.89
C PRO A 27 -13.37 2.84 -3.98
N TYR A 28 -14.13 2.84 -5.07
CA TYR A 28 -13.83 3.70 -6.22
C TYR A 28 -14.02 5.17 -5.87
N GLU A 29 -14.93 5.44 -4.95
CA GLU A 29 -15.18 6.81 -4.50
C GLU A 29 -14.11 7.27 -3.52
N ALA A 30 -13.29 6.33 -3.07
CA ALA A 30 -12.21 6.65 -2.14
C ALA A 30 -10.98 7.16 -2.88
N THR A 31 -10.24 8.07 -2.24
CA THR A 31 -9.06 8.65 -2.85
C THR A 31 -7.82 8.39 -2.01
N GLU A 32 -6.66 8.77 -2.53
CA GLU A 32 -5.40 8.63 -1.79
C GLU A 32 -5.40 9.52 -0.55
N GLU A 33 -6.08 10.66 -0.64
CA GLU A 33 -6.20 11.56 0.50
C GLU A 33 -7.06 10.95 1.60
N GLN A 34 -8.12 10.27 1.20
CA GLN A 34 -8.96 9.54 2.15
C GLN A 34 -8.21 8.38 2.79
N LEU A 35 -7.41 7.68 1.99
CA LEU A 35 -6.54 6.62 2.49
C LEU A 35 -5.47 7.19 3.40
N LYS A 36 -4.97 8.37 3.07
CA LYS A 36 -3.97 9.05 3.90
C LYS A 36 -4.47 9.25 5.32
N ASP A 37 -5.70 9.76 5.43
CA ASP A 37 -6.33 9.96 6.74
C ASP A 37 -6.38 8.65 7.53
N ILE A 38 -6.79 7.59 6.85
CA ILE A 38 -6.88 6.27 7.48
C ILE A 38 -5.50 5.76 7.88
N PHE A 39 -4.56 5.82 6.93
CA PHE A 39 -3.26 5.19 7.11
C PHE A 39 -2.40 5.96 8.12
N SER A 40 -2.73 7.23 8.31
CA SER A 40 -2.00 8.08 9.25
C SER A 40 -2.08 7.52 10.67
N GLU A 41 -3.15 6.76 10.94
CA GLU A 41 -3.38 6.22 12.27
C GLU A 41 -2.33 5.19 12.65
N VAL A 42 -1.73 4.57 11.63
CA VAL A 42 -0.77 3.49 11.86
C VAL A 42 0.63 3.90 11.39
N GLY A 43 0.86 5.20 11.30
CA GLY A 43 2.19 5.73 11.05
C GLY A 43 2.20 6.66 9.84
N PRO A 44 3.19 7.56 9.79
CA PRO A 44 3.30 8.50 8.70
C PRO A 44 3.50 7.77 7.37
N VAL A 45 2.92 8.34 6.31
CA VAL A 45 3.06 7.77 4.97
C VAL A 45 3.82 8.70 4.04
N VAL A 46 4.73 8.13 3.25
CA VAL A 46 5.53 8.91 2.32
C VAL A 46 4.70 9.34 1.11
N SER A 47 4.06 8.37 0.46
CA SER A 47 3.28 8.64 -0.73
C SER A 47 2.41 7.45 -1.11
N PHE A 48 1.30 7.72 -1.79
CA PHE A 48 0.39 6.67 -2.24
C PHE A 48 0.55 6.39 -3.73
N ARG A 49 0.23 5.17 -4.13
CA ARG A 49 0.21 4.81 -5.54
C ARG A 49 -1.07 4.05 -5.90
N LEU A 50 -2.20 4.74 -5.83
CA LEU A 50 -3.49 4.14 -6.14
C LEU A 50 -3.63 3.88 -7.63
N VAL A 51 -3.90 2.64 -7.99
CA VAL A 51 -4.03 2.25 -9.39
C VAL A 51 -5.46 2.44 -9.88
N TYR A 52 -5.61 3.08 -11.04
CA TYR A 52 -6.92 3.41 -11.58
C TYR A 52 -6.96 3.23 -13.08
N ALA A 53 -8.17 3.14 -13.63
CA ALA A 53 -8.34 2.99 -15.07
C ALA A 53 -8.61 4.34 -15.74
N ARG A 54 -7.94 4.58 -16.87
CA ARG A 54 -8.12 5.82 -17.61
C ARG A 54 -9.43 5.81 -18.38
N GLU A 55 -9.92 4.63 -18.70
CA GLU A 55 -11.15 4.49 -19.47
C GLU A 55 -12.36 4.93 -18.66
N THR A 56 -12.34 4.64 -17.36
CA THR A 56 -13.44 4.97 -16.47
C THR A 56 -13.11 6.18 -15.61
N GLY A 57 -11.83 6.36 -15.32
CA GLY A 57 -11.39 7.44 -14.44
C GLY A 57 -11.54 7.05 -12.98
N LYS A 58 -11.81 5.77 -12.73
CA LYS A 58 -12.03 5.28 -11.38
C LYS A 58 -10.97 4.27 -10.97
N PRO A 59 -10.71 4.19 -9.67
CA PRO A 59 -9.77 3.22 -9.14
C PRO A 59 -10.11 1.80 -9.58
N LYS A 60 -9.10 0.96 -9.71
CA LYS A 60 -9.31 -0.45 -10.03
C LYS A 60 -9.58 -1.27 -8.78
N GLY A 61 -9.46 -0.63 -7.62
CA GLY A 61 -9.81 -1.25 -6.36
C GLY A 61 -8.58 -1.71 -5.59
N TYR A 62 -7.41 -1.33 -6.09
CA TYR A 62 -6.14 -1.71 -5.47
C TYR A 62 -5.05 -0.69 -5.77
N GLY A 63 -3.96 -0.78 -5.02
CA GLY A 63 -2.80 0.08 -5.26
C GLY A 63 -1.70 -0.19 -4.25
N PHE A 64 -0.67 0.66 -4.26
CA PHE A 64 0.44 0.53 -3.33
C PHE A 64 0.55 1.75 -2.42
N CYS A 65 1.30 1.60 -1.33
CA CYS A 65 1.51 2.70 -0.40
C CYS A 65 2.84 2.56 0.32
N GLU A 66 3.65 3.62 0.27
CA GLU A 66 4.97 3.60 0.88
C GLU A 66 4.97 4.37 2.20
N TYR A 67 5.29 3.67 3.28
CA TYR A 67 5.43 4.30 4.59
C TYR A 67 6.84 4.83 4.80
N GLN A 68 7.03 5.59 5.87
CA GLN A 68 8.36 6.06 6.24
C GLN A 68 9.18 4.97 6.91
N ASP A 69 8.55 4.23 7.81
CA ASP A 69 9.22 3.17 8.55
C ASP A 69 8.64 1.80 8.19
N GLN A 70 9.47 0.77 8.27
CA GLN A 70 9.03 -0.60 8.01
C GLN A 70 8.10 -1.09 9.10
N GLU A 71 8.28 -0.56 10.31
CA GLU A 71 7.41 -0.91 11.43
C GLU A 71 6.00 -0.37 11.23
N THR A 72 5.91 0.82 10.65
CA THR A 72 4.61 1.43 10.38
C THR A 72 3.93 0.76 9.19
N ALA A 73 4.73 0.25 8.26
CA ALA A 73 4.22 -0.56 7.17
C ALA A 73 3.63 -1.87 7.69
N LEU A 74 4.35 -2.52 8.59
CA LEU A 74 3.88 -3.75 9.20
C LEU A 74 2.68 -3.49 10.10
N SER A 75 2.68 -2.35 10.78
CA SER A 75 1.55 -1.95 11.61
C SER A 75 0.28 -1.82 10.78
N ALA A 76 0.40 -1.21 9.61
CA ALA A 76 -0.70 -1.15 8.66
C ALA A 76 -1.16 -2.54 8.25
N MET A 77 -0.20 -3.40 7.93
CA MET A 77 -0.50 -4.78 7.55
C MET A 77 -1.25 -5.51 8.66
N ARG A 78 -0.88 -5.22 9.91
CA ARG A 78 -1.43 -5.93 11.05
C ARG A 78 -2.77 -5.32 11.49
N ASN A 79 -2.89 -4.00 11.33
CA ASN A 79 -4.01 -3.27 11.89
C ASN A 79 -5.09 -3.04 10.85
N LEU A 80 -4.69 -2.51 9.69
CA LEU A 80 -5.66 -2.07 8.69
C LEU A 80 -6.22 -3.25 7.91
N ASN A 81 -5.48 -4.35 7.88
CA ASN A 81 -5.88 -5.53 7.14
C ASN A 81 -7.10 -6.20 7.76
N GLY A 82 -8.24 -6.08 7.10
CA GLY A 82 -9.47 -6.68 7.59
C GLY A 82 -10.26 -5.72 8.45
N ARG A 83 -9.80 -4.47 8.50
CA ARG A 83 -10.48 -3.43 9.27
C ARG A 83 -11.65 -2.84 8.49
N GLU A 84 -12.83 -2.85 9.11
CA GLU A 84 -14.03 -2.37 8.45
C GLU A 84 -14.21 -0.86 8.64
N PHE A 85 -14.53 -0.16 7.56
CA PHE A 85 -14.76 1.28 7.63
C PHE A 85 -16.18 1.62 7.19
N SER A 86 -17.15 1.40 8.08
CA SER A 86 -18.55 1.63 7.76
C SER A 86 -18.98 0.85 6.54
N GLY A 87 -18.48 -0.37 6.41
CA GLY A 87 -18.80 -1.23 5.28
C GLY A 87 -17.64 -1.29 4.29
N ARG A 88 -16.86 -0.21 4.23
CA ARG A 88 -15.77 -0.12 3.27
C ARG A 88 -14.48 -0.69 3.84
N ALA A 89 -14.48 -1.99 4.09
CA ALA A 89 -13.32 -2.66 4.69
C ALA A 89 -12.14 -2.67 3.73
N LEU A 90 -10.94 -2.49 4.27
CA LEU A 90 -9.72 -2.49 3.47
C LEU A 90 -8.84 -3.68 3.80
N ARG A 91 -7.92 -4.01 2.89
CA ARG A 91 -6.92 -5.03 3.16
C ARG A 91 -5.52 -4.52 2.83
N VAL A 92 -4.62 -4.62 3.80
CA VAL A 92 -3.24 -4.17 3.61
C VAL A 92 -2.25 -5.32 3.81
N ASP A 93 -1.48 -5.63 2.78
CA ASP A 93 -0.44 -6.64 2.87
C ASP A 93 0.94 -6.03 2.63
N ASN A 94 1.93 -6.55 3.34
CA ASN A 94 3.32 -6.11 3.15
C ASN A 94 3.88 -6.63 1.84
N ALA A 95 4.37 -5.71 1.01
CA ALA A 95 4.89 -6.05 -0.30
C ALA A 95 6.19 -6.85 -0.19
N ALA A 96 6.06 -8.16 -0.03
CA ALA A 96 7.23 -9.04 0.05
C ALA A 96 7.41 -9.84 -1.23
N SER A 97 6.34 -9.92 -2.03
CA SER A 97 6.39 -10.62 -3.29
C SER A 97 7.27 -9.90 -4.30
N GLU A 98 8.02 -10.66 -5.09
CA GLU A 98 8.94 -10.09 -6.07
C GLU A 98 8.18 -9.35 -7.17
N LYS A 99 7.00 -9.85 -7.51
CA LYS A 99 6.13 -9.18 -8.46
C LYS A 99 5.75 -7.79 -7.96
N ASN A 100 5.38 -7.70 -6.69
CA ASN A 100 5.01 -6.43 -6.08
C ASN A 100 6.20 -5.48 -6.06
N LYS A 101 7.39 -6.03 -5.83
CA LYS A 101 8.62 -5.24 -5.85
C LYS A 101 8.84 -4.62 -7.22
N GLU A 102 8.61 -5.40 -8.27
CA GLU A 102 8.79 -4.93 -9.64
C GLU A 102 7.76 -3.85 -9.98
N GLU A 103 6.56 -4.00 -9.44
CA GLU A 103 5.52 -2.98 -9.58
C GLU A 103 5.93 -1.69 -8.89
N LEU A 104 6.48 -1.82 -7.69
CA LEU A 104 6.96 -0.66 -6.94
C LEU A 104 8.03 0.09 -7.69
N LYS A 105 8.92 -0.66 -8.35
CA LYS A 105 9.98 -0.06 -9.15
C LYS A 105 9.41 0.88 -10.21
N SER A 106 8.38 0.41 -10.91
CA SER A 106 7.74 1.20 -11.95
C SER A 106 6.98 2.39 -11.35
N LEU A 107 6.64 2.28 -10.07
CA LEU A 107 5.93 3.35 -9.36
C LEU A 107 6.91 4.36 -8.79
N GLY A 108 8.20 4.09 -8.94
CA GLY A 108 9.24 5.02 -8.51
C GLY A 108 9.68 4.72 -7.08
N THR A 109 9.47 3.47 -6.65
CA THR A 109 9.90 3.04 -5.32
C THR A 109 10.96 1.95 -5.41
N GLY A 110 12.06 2.15 -4.70
CA GLY A 110 13.17 1.20 -4.72
C GLY A 110 12.77 -0.13 -4.11
N MET A 4 10.06 -11.33 4.76
CA MET A 4 10.82 -10.40 5.58
C MET A 4 10.47 -10.54 7.06
N ALA A 5 11.47 -10.39 7.92
CA ALA A 5 11.27 -10.48 9.35
C ALA A 5 10.97 -9.12 9.96
N GLY A 6 10.97 -8.09 9.13
CA GLY A 6 10.74 -6.72 9.59
C GLY A 6 12.03 -6.10 10.12
N LEU A 7 13.17 -6.58 9.62
CA LEU A 7 14.46 -6.10 10.06
C LEU A 7 15.04 -5.08 9.08
N THR A 8 15.80 -4.13 9.59
CA THR A 8 16.43 -3.11 8.76
C THR A 8 17.53 -3.71 7.89
N VAL A 9 17.53 -3.35 6.61
CA VAL A 9 18.48 -3.90 5.66
C VAL A 9 19.38 -2.81 5.09
N ARG A 10 20.45 -3.21 4.43
CA ARG A 10 21.38 -2.27 3.81
C ARG A 10 21.20 -2.22 2.30
N ASP A 11 20.21 -2.94 1.80
CA ASP A 11 19.89 -2.94 0.37
C ASP A 11 18.68 -2.07 0.07
N PRO A 12 18.92 -0.96 -0.61
CA PRO A 12 17.85 -0.02 -0.94
C PRO A 12 16.70 -0.72 -1.65
N ALA A 13 17.05 -1.70 -2.49
CA ALA A 13 16.06 -2.42 -3.28
C ALA A 13 15.11 -3.20 -2.38
N VAL A 14 15.67 -3.88 -1.38
CA VAL A 14 14.87 -4.62 -0.41
C VAL A 14 14.08 -3.68 0.49
N ASP A 15 14.74 -2.63 0.96
CA ASP A 15 14.09 -1.63 1.79
C ASP A 15 12.88 -1.01 1.08
N ARG A 16 13.04 -0.76 -0.21
CA ARG A 16 11.95 -0.23 -1.02
C ARG A 16 10.72 -1.12 -0.94
N SER A 17 10.91 -2.41 -1.21
CA SER A 17 9.81 -3.38 -1.18
C SER A 17 9.35 -3.65 0.23
N LEU A 18 10.25 -3.43 1.20
CA LEU A 18 9.93 -3.66 2.61
C LEU A 18 8.96 -2.60 3.13
N ARG A 19 9.25 -1.34 2.83
CA ARG A 19 8.43 -0.24 3.31
C ARG A 19 7.23 -0.01 2.39
N SER A 20 7.30 -0.57 1.20
CA SER A 20 6.16 -0.56 0.28
C SER A 20 5.09 -1.56 0.70
N VAL A 21 3.84 -1.12 0.70
CA VAL A 21 2.73 -1.95 1.15
C VAL A 21 1.64 -2.03 0.07
N PHE A 22 1.20 -3.24 -0.22
CA PHE A 22 0.11 -3.45 -1.16
C PHE A 22 -1.25 -3.18 -0.52
N VAL A 23 -2.05 -2.36 -1.17
CA VAL A 23 -3.38 -2.03 -0.66
C VAL A 23 -4.47 -2.43 -1.66
N GLY A 24 -5.48 -3.14 -1.17
CA GLY A 24 -6.57 -3.61 -2.01
C GLY A 24 -7.92 -3.37 -1.36
N ASN A 25 -8.98 -3.81 -2.02
CA ASN A 25 -10.34 -3.59 -1.53
C ASN A 25 -10.62 -2.11 -1.32
N ILE A 26 -10.24 -1.30 -2.31
CA ILE A 26 -10.49 0.14 -2.24
C ILE A 26 -11.75 0.52 -3.00
N PRO A 27 -12.70 1.12 -2.29
CA PRO A 27 -13.92 1.62 -2.90
C PRO A 27 -13.60 2.59 -4.04
N TYR A 28 -14.36 2.48 -5.14
CA TYR A 28 -14.13 3.32 -6.30
C TYR A 28 -14.50 4.76 -6.04
N GLU A 29 -15.22 5.00 -4.94
CA GLU A 29 -15.58 6.34 -4.53
C GLU A 29 -14.53 6.93 -3.59
N ALA A 30 -13.62 6.08 -3.13
CA ALA A 30 -12.61 6.49 -2.16
C ALA A 30 -11.46 7.24 -2.83
N THR A 31 -10.88 8.20 -2.11
CA THR A 31 -9.76 8.97 -2.63
C THR A 31 -8.45 8.55 -1.99
N GLU A 32 -7.34 9.04 -2.54
CA GLU A 32 -6.03 8.75 -1.99
C GLU A 32 -5.85 9.38 -0.61
N GLU A 33 -6.45 10.56 -0.42
CA GLU A 33 -6.29 11.30 0.82
C GLU A 33 -7.03 10.63 1.97
N GLN A 34 -8.19 10.05 1.66
CA GLN A 34 -8.97 9.32 2.65
C GLN A 34 -8.20 8.12 3.18
N LEU A 35 -7.57 7.37 2.27
CA LEU A 35 -6.69 6.28 2.66
C LEU A 35 -5.44 6.80 3.36
N LYS A 36 -4.90 7.92 2.86
CA LYS A 36 -3.73 8.53 3.47
C LYS A 36 -3.96 8.85 4.94
N ASP A 37 -5.17 9.33 5.24
CA ASP A 37 -5.53 9.65 6.61
C ASP A 37 -5.37 8.46 7.54
N ILE A 38 -5.98 7.34 7.16
CA ILE A 38 -5.95 6.13 7.99
C ILE A 38 -4.58 5.46 7.94
N PHE A 39 -3.79 5.82 6.94
CA PHE A 39 -2.41 5.36 6.85
C PHE A 39 -1.53 6.09 7.84
N SER A 40 -1.87 7.33 8.15
CA SER A 40 -1.15 8.11 9.14
C SER A 40 -1.58 7.73 10.56
N GLU A 41 -2.77 7.18 10.68
CA GLU A 41 -3.28 6.73 11.98
C GLU A 41 -2.42 5.60 12.54
N VAL A 42 -1.76 4.87 11.65
CA VAL A 42 -0.94 3.73 12.05
C VAL A 42 0.55 4.04 11.91
N GLY A 43 0.88 5.33 11.94
CA GLY A 43 2.27 5.75 11.96
C GLY A 43 2.59 6.64 10.77
N PRO A 44 3.74 7.31 10.83
CA PRO A 44 4.16 8.20 9.75
C PRO A 44 4.16 7.47 8.41
N VAL A 45 3.59 8.11 7.39
CA VAL A 45 3.51 7.53 6.06
C VAL A 45 4.02 8.50 5.00
N VAL A 46 4.70 7.98 3.99
CA VAL A 46 5.40 8.80 3.01
C VAL A 46 4.46 9.26 1.90
N SER A 47 3.89 8.28 1.19
CA SER A 47 3.07 8.58 0.02
C SER A 47 2.24 7.36 -0.38
N PHE A 48 1.07 7.63 -0.97
CA PHE A 48 0.23 6.56 -1.48
C PHE A 48 -0.21 6.85 -2.92
N ARG A 49 -0.31 5.80 -3.73
CA ARG A 49 -0.76 5.94 -5.10
C ARG A 49 -1.89 4.96 -5.40
N LEU A 50 -3.02 5.49 -5.88
CA LEU A 50 -4.16 4.67 -6.24
C LEU A 50 -4.22 4.45 -7.75
N VAL A 51 -4.23 3.18 -8.14
CA VAL A 51 -4.26 2.82 -9.56
C VAL A 51 -5.69 2.74 -10.08
N TYR A 52 -5.92 3.31 -11.25
CA TYR A 52 -7.26 3.40 -11.81
C TYR A 52 -7.27 3.09 -13.30
N ALA A 53 -8.46 2.78 -13.83
CA ALA A 53 -8.60 2.47 -15.25
C ALA A 53 -8.92 3.73 -16.05
N ARG A 54 -8.25 3.90 -17.18
CA ARG A 54 -8.46 5.05 -18.04
C ARG A 54 -9.75 4.90 -18.85
N GLU A 55 -10.17 3.66 -19.06
CA GLU A 55 -11.36 3.38 -19.84
C GLU A 55 -12.62 3.82 -19.12
N THR A 56 -12.63 3.66 -17.81
CA THR A 56 -13.79 4.01 -17.01
C THR A 56 -13.55 5.29 -16.20
N GLY A 57 -12.29 5.53 -15.87
CA GLY A 57 -11.92 6.68 -15.03
C GLY A 57 -12.09 6.35 -13.56
N LYS A 58 -12.35 5.08 -13.26
CA LYS A 58 -12.60 4.64 -11.89
C LYS A 58 -11.45 3.80 -11.35
N PRO A 59 -11.21 3.92 -10.06
CA PRO A 59 -10.17 3.14 -9.40
C PRO A 59 -10.35 1.65 -9.66
N LYS A 60 -9.22 0.94 -9.80
CA LYS A 60 -9.26 -0.51 -9.95
C LYS A 60 -9.50 -1.21 -8.63
N GLY A 61 -9.37 -0.46 -7.53
CA GLY A 61 -9.60 -0.99 -6.20
C GLY A 61 -8.31 -1.42 -5.54
N TYR A 62 -7.19 -1.17 -6.22
CA TYR A 62 -5.88 -1.58 -5.73
C TYR A 62 -4.86 -0.45 -5.87
N GLY A 63 -3.85 -0.47 -5.02
CA GLY A 63 -2.76 0.50 -5.11
C GLY A 63 -1.57 0.08 -4.26
N PHE A 64 -0.72 1.04 -3.91
CA PHE A 64 0.44 0.77 -3.07
C PHE A 64 0.83 2.00 -2.25
N CYS A 65 1.43 1.76 -1.10
CA CYS A 65 1.73 2.84 -0.16
C CYS A 65 3.14 2.70 0.41
N GLU A 66 3.87 3.80 0.43
CA GLU A 66 5.19 3.84 1.05
C GLU A 66 5.13 4.42 2.45
N TYR A 67 5.64 3.67 3.42
CA TYR A 67 5.64 4.12 4.82
C TYR A 67 7.04 4.52 5.27
N GLN A 68 7.12 5.25 6.37
CA GLN A 68 8.38 5.80 6.84
C GLN A 68 9.37 4.69 7.19
N ASP A 69 8.87 3.62 7.79
CA ASP A 69 9.70 2.47 8.12
C ASP A 69 8.88 1.17 8.08
N GLN A 70 9.56 0.05 8.27
CA GLN A 70 8.92 -1.25 8.14
C GLN A 70 7.99 -1.53 9.31
N GLU A 71 8.19 -0.81 10.41
CA GLU A 71 7.33 -0.95 11.58
C GLU A 71 5.97 -0.32 11.33
N THR A 72 5.96 0.85 10.70
CA THR A 72 4.71 1.50 10.31
C THR A 72 4.05 0.78 9.14
N ALA A 73 4.86 0.17 8.30
CA ALA A 73 4.35 -0.66 7.20
C ALA A 73 3.63 -1.89 7.75
N LEU A 74 4.27 -2.57 8.70
CA LEU A 74 3.68 -3.76 9.31
C LEU A 74 2.50 -3.39 10.20
N SER A 75 2.60 -2.24 10.86
CA SER A 75 1.51 -1.73 11.69
C SER A 75 0.24 -1.53 10.87
N ALA A 76 0.40 -0.98 9.67
CA ALA A 76 -0.71 -0.88 8.72
C ALA A 76 -1.26 -2.25 8.36
N MET A 77 -0.36 -3.19 8.07
CA MET A 77 -0.75 -4.55 7.75
C MET A 77 -1.52 -5.19 8.90
N ARG A 78 -1.08 -4.92 10.12
CA ARG A 78 -1.64 -5.58 11.30
C ARG A 78 -2.94 -4.91 11.73
N ASN A 79 -3.04 -3.61 11.50
CA ASN A 79 -4.16 -2.82 12.01
C ASN A 79 -5.24 -2.64 10.96
N LEU A 80 -4.84 -2.19 9.78
CA LEU A 80 -5.78 -1.71 8.77
C LEU A 80 -6.39 -2.88 8.00
N ASN A 81 -5.67 -4.00 7.96
CA ASN A 81 -6.11 -5.18 7.22
C ASN A 81 -7.34 -5.81 7.88
N GLY A 82 -8.49 -5.65 7.23
CA GLY A 82 -9.74 -6.16 7.77
C GLY A 82 -10.60 -5.03 8.35
N ARG A 83 -10.02 -3.84 8.41
CA ARG A 83 -10.72 -2.67 8.92
C ARG A 83 -11.69 -2.11 7.88
N GLU A 84 -12.96 -2.07 8.24
CA GLU A 84 -13.99 -1.52 7.35
C GLU A 84 -13.63 -0.12 6.88
N PHE A 85 -13.52 0.04 5.57
CA PHE A 85 -13.23 1.35 4.99
C PHE A 85 -14.33 1.80 4.04
N SER A 86 -15.17 2.72 4.52
CA SER A 86 -16.31 3.19 3.74
C SER A 86 -17.20 2.02 3.31
N GLY A 87 -17.31 1.02 4.18
CA GLY A 87 -18.22 -0.09 3.93
C GLY A 87 -17.46 -1.33 3.48
N ARG A 88 -16.28 -1.12 2.92
CA ARG A 88 -15.49 -2.21 2.35
C ARG A 88 -14.25 -2.48 3.18
N ALA A 89 -14.14 -3.71 3.69
CA ALA A 89 -12.99 -4.10 4.48
C ALA A 89 -11.69 -3.95 3.70
N LEU A 90 -10.83 -3.04 4.16
CA LEU A 90 -9.61 -2.70 3.44
C LEU A 90 -8.58 -3.81 3.57
N ARG A 91 -7.93 -4.14 2.45
CA ARG A 91 -6.83 -5.09 2.47
C ARG A 91 -5.48 -4.38 2.48
N VAL A 92 -4.68 -4.67 3.50
CA VAL A 92 -3.34 -4.09 3.62
C VAL A 92 -2.30 -5.17 3.89
N ASP A 93 -1.44 -5.41 2.91
CA ASP A 93 -0.41 -6.43 3.03
C ASP A 93 0.93 -5.94 2.49
N ASN A 94 2.01 -6.24 3.21
CA ASN A 94 3.34 -5.76 2.85
C ASN A 94 3.74 -6.27 1.47
N ALA A 95 4.16 -5.36 0.60
CA ALA A 95 4.38 -5.68 -0.81
C ALA A 95 5.72 -6.40 -0.99
N ALA A 96 6.43 -6.61 0.10
CA ALA A 96 7.67 -7.38 0.07
C ALA A 96 7.40 -8.84 -0.32
N SER A 97 6.18 -9.29 -0.08
CA SER A 97 5.77 -10.63 -0.47
C SER A 97 5.74 -10.76 -1.99
N GLU A 98 6.22 -11.89 -2.49
CA GLU A 98 6.35 -12.10 -3.93
C GLU A 98 4.98 -12.17 -4.59
N LYS A 99 3.98 -12.69 -3.86
CA LYS A 99 2.62 -12.74 -4.36
C LYS A 99 2.05 -11.35 -4.58
N ASN A 100 2.35 -10.44 -3.64
CA ASN A 100 1.90 -9.06 -3.76
C ASN A 100 2.61 -8.34 -4.90
N LYS A 101 3.86 -8.70 -5.13
CA LYS A 101 4.62 -8.17 -6.27
C LYS A 101 3.97 -8.54 -7.58
N GLU A 102 3.53 -9.79 -7.68
CA GLU A 102 2.87 -10.29 -8.89
C GLU A 102 1.53 -9.60 -9.11
N GLU A 103 0.85 -9.28 -8.02
CA GLU A 103 -0.39 -8.50 -8.07
C GLU A 103 -0.12 -7.11 -8.61
N LEU A 104 0.96 -6.50 -8.15
CA LEU A 104 1.36 -5.18 -8.63
C LEU A 104 1.70 -5.21 -10.12
N LYS A 105 2.31 -6.30 -10.56
CA LYS A 105 2.64 -6.49 -11.97
C LYS A 105 1.39 -6.48 -12.83
N SER A 106 0.35 -7.19 -12.36
CA SER A 106 -0.91 -7.25 -13.07
C SER A 106 -1.71 -5.95 -12.90
N LEU A 107 -1.46 -5.26 -11.79
CA LEU A 107 -2.11 -3.99 -11.53
C LEU A 107 -1.58 -2.89 -12.45
N GLY A 108 -0.26 -2.84 -12.61
CA GLY A 108 0.38 -1.82 -13.44
C GLY A 108 1.36 -0.99 -12.63
N THR A 109 1.96 -1.61 -11.62
CA THR A 109 2.92 -0.92 -10.77
C THR A 109 4.33 -1.49 -10.94
N GLY A 110 5.31 -0.60 -11.12
CA GLY A 110 6.70 -1.01 -11.23
C GLY A 110 7.57 -0.26 -10.22
N MET A 4 20.50 -16.78 13.14
CA MET A 4 20.60 -16.16 14.46
C MET A 4 20.54 -14.64 14.35
N ALA A 5 21.71 -14.02 14.34
CA ALA A 5 21.81 -12.56 14.26
C ALA A 5 21.30 -12.04 12.92
N GLY A 6 21.60 -12.79 11.86
CA GLY A 6 21.19 -12.40 10.52
C GLY A 6 22.25 -11.56 9.82
N LEU A 7 21.96 -11.11 8.61
CA LEU A 7 22.90 -10.29 7.84
C LEU A 7 22.38 -8.86 7.71
N THR A 8 23.31 -7.92 7.58
CA THR A 8 22.95 -6.52 7.42
C THR A 8 22.74 -6.16 5.96
N VAL A 9 21.56 -5.65 5.64
CA VAL A 9 21.23 -5.25 4.28
C VAL A 9 21.04 -3.74 4.17
N ARG A 10 21.86 -3.09 3.36
CA ARG A 10 21.79 -1.65 3.18
C ARG A 10 21.21 -1.29 1.82
N ASP A 11 20.74 -2.31 1.10
CA ASP A 11 20.15 -2.11 -0.23
C ASP A 11 18.88 -1.28 -0.14
N PRO A 12 18.90 -0.10 -0.75
CA PRO A 12 17.75 0.79 -0.75
C PRO A 12 16.50 0.08 -1.26
N ALA A 13 16.70 -0.81 -2.23
CA ALA A 13 15.59 -1.54 -2.83
C ALA A 13 14.90 -2.44 -1.81
N VAL A 14 15.69 -3.11 -0.97
CA VAL A 14 15.15 -3.94 0.09
C VAL A 14 14.51 -3.09 1.18
N ASP A 15 15.15 -1.98 1.52
CA ASP A 15 14.62 -1.06 2.52
C ASP A 15 13.24 -0.57 2.14
N ARG A 16 13.10 -0.11 0.90
CA ARG A 16 11.82 0.37 0.40
C ARG A 16 10.79 -0.76 0.36
N SER A 17 11.22 -1.93 -0.11
CA SER A 17 10.36 -3.09 -0.16
C SER A 17 9.73 -3.38 1.20
N LEU A 18 10.56 -3.33 2.24
CA LEU A 18 10.08 -3.58 3.60
C LEU A 18 9.09 -2.50 4.04
N ARG A 19 9.28 -1.28 3.54
CA ARG A 19 8.41 -0.17 3.89
C ARG A 19 7.26 -0.03 2.91
N SER A 20 7.15 -0.99 2.00
CA SER A 20 6.10 -0.97 0.99
C SER A 20 4.86 -1.73 1.47
N VAL A 21 3.69 -1.13 1.25
CA VAL A 21 2.43 -1.75 1.64
C VAL A 21 1.48 -1.87 0.45
N PHE A 22 0.91 -3.05 0.26
CA PHE A 22 -0.10 -3.26 -0.76
C PHE A 22 -1.51 -3.14 -0.20
N VAL A 23 -2.30 -2.25 -0.79
CA VAL A 23 -3.65 -2.00 -0.33
C VAL A 23 -4.68 -2.32 -1.41
N GLY A 24 -5.67 -3.15 -1.06
CA GLY A 24 -6.72 -3.52 -2.00
C GLY A 24 -8.09 -3.34 -1.38
N ASN A 25 -9.14 -3.73 -2.12
CA ASN A 25 -10.51 -3.53 -1.68
C ASN A 25 -10.77 -2.06 -1.35
N ILE A 26 -10.26 -1.17 -2.20
CA ILE A 26 -10.44 0.26 -2.01
C ILE A 26 -11.74 0.74 -2.66
N PRO A 27 -12.61 1.35 -1.85
CA PRO A 27 -13.84 1.92 -2.37
C PRO A 27 -13.57 2.94 -3.47
N TYR A 28 -14.35 2.87 -4.54
CA TYR A 28 -14.15 3.73 -5.70
C TYR A 28 -14.46 5.19 -5.36
N GLU A 29 -15.36 5.38 -4.40
CA GLU A 29 -15.75 6.73 -3.98
C GLU A 29 -14.70 7.35 -3.07
N ALA A 30 -13.77 6.51 -2.60
CA ALA A 30 -12.72 6.98 -1.69
C ALA A 30 -11.60 7.68 -2.45
N THR A 31 -11.04 8.71 -1.84
CA THR A 31 -9.94 9.45 -2.45
C THR A 31 -8.60 9.05 -1.85
N GLU A 32 -7.51 9.48 -2.48
CA GLU A 32 -6.18 9.20 -1.99
C GLU A 32 -5.94 9.86 -0.63
N GLU A 33 -6.49 11.05 -0.45
CA GLU A 33 -6.31 11.79 0.80
C GLU A 33 -7.02 11.12 1.95
N GLN A 34 -8.22 10.59 1.68
CA GLN A 34 -8.97 9.84 2.68
C GLN A 34 -8.23 8.57 3.08
N LEU A 35 -7.62 7.90 2.10
CA LEU A 35 -6.80 6.73 2.37
C LEU A 35 -5.53 7.10 3.11
N LYS A 36 -4.93 8.22 2.73
CA LYS A 36 -3.72 8.71 3.39
C LYS A 36 -3.98 9.01 4.86
N ASP A 37 -5.18 9.47 5.16
CA ASP A 37 -5.58 9.74 6.54
C ASP A 37 -5.52 8.48 7.39
N ILE A 38 -6.15 7.42 6.91
CA ILE A 38 -6.21 6.16 7.64
C ILE A 38 -4.87 5.43 7.61
N PHE A 39 -3.98 5.89 6.73
CA PHE A 39 -2.60 5.41 6.73
C PHE A 39 -1.75 6.17 7.75
N SER A 40 -1.95 7.47 7.82
CA SER A 40 -1.11 8.34 8.64
C SER A 40 -1.37 8.09 10.13
N GLU A 41 -2.57 7.63 10.45
CA GLU A 41 -2.92 7.31 11.83
C GLU A 41 -2.18 6.06 12.30
N VAL A 42 -1.66 5.30 11.35
CA VAL A 42 -0.83 4.14 11.68
C VAL A 42 0.62 4.55 11.90
N GLY A 43 1.13 5.41 11.03
CA GLY A 43 2.49 5.91 11.15
C GLY A 43 2.85 6.84 10.01
N PRO A 44 4.04 7.44 10.07
CA PRO A 44 4.48 8.38 9.05
C PRO A 44 4.51 7.73 7.68
N VAL A 45 4.02 8.45 6.67
CA VAL A 45 3.91 7.92 5.33
C VAL A 45 4.74 8.74 4.34
N VAL A 46 5.50 8.06 3.49
CA VAL A 46 6.27 8.72 2.45
C VAL A 46 5.38 9.23 1.33
N SER A 47 4.56 8.34 0.79
CA SER A 47 3.66 8.69 -0.31
C SER A 47 2.64 7.58 -0.56
N PHE A 48 1.63 7.89 -1.37
CA PHE A 48 0.64 6.90 -1.77
C PHE A 48 0.09 7.19 -3.16
N ARG A 49 -0.13 6.14 -3.94
CA ARG A 49 -0.72 6.27 -5.27
C ARG A 49 -1.87 5.28 -5.46
N LEU A 50 -3.04 5.80 -5.79
CA LEU A 50 -4.19 4.95 -6.10
C LEU A 50 -4.27 4.66 -7.60
N VAL A 51 -4.38 3.38 -7.94
CA VAL A 51 -4.34 2.96 -9.33
C VAL A 51 -5.73 3.01 -9.96
N TYR A 52 -5.86 3.76 -11.04
CA TYR A 52 -7.14 3.88 -11.75
C TYR A 52 -7.16 3.02 -13.00
N ALA A 53 -8.35 2.55 -13.37
CA ALA A 53 -8.53 1.82 -14.62
C ALA A 53 -8.65 2.78 -15.80
N ARG A 54 -7.85 2.54 -16.83
CA ARG A 54 -7.80 3.43 -17.98
C ARG A 54 -9.06 3.30 -18.84
N GLU A 55 -9.66 2.12 -18.82
CA GLU A 55 -10.83 1.84 -19.63
C GLU A 55 -12.10 2.31 -18.96
N THR A 56 -12.10 2.30 -17.63
CA THR A 56 -13.28 2.66 -16.86
C THR A 56 -13.24 4.13 -16.43
N GLY A 57 -12.12 4.52 -15.83
CA GLY A 57 -12.00 5.87 -15.27
C GLY A 57 -12.10 5.84 -13.76
N LYS A 58 -12.54 4.72 -13.21
CA LYS A 58 -12.63 4.54 -11.77
C LYS A 58 -11.45 3.75 -11.23
N PRO A 59 -11.21 3.84 -9.93
CA PRO A 59 -10.16 3.08 -9.28
C PRO A 59 -10.29 1.59 -9.57
N LYS A 60 -9.15 0.91 -9.68
CA LYS A 60 -9.13 -0.55 -9.80
C LYS A 60 -9.48 -1.22 -8.47
N GLY A 61 -9.42 -0.44 -7.39
CA GLY A 61 -9.65 -0.97 -6.06
C GLY A 61 -8.35 -1.29 -5.34
N TYR A 62 -7.23 -0.96 -5.99
CA TYR A 62 -5.92 -1.25 -5.44
C TYR A 62 -5.00 -0.04 -5.54
N GLY A 63 -4.04 0.04 -4.63
CA GLY A 63 -3.07 1.14 -4.63
C GLY A 63 -1.78 0.73 -3.94
N PHE A 64 -0.82 1.65 -3.90
CA PHE A 64 0.48 1.37 -3.31
C PHE A 64 0.89 2.46 -2.32
N CYS A 65 1.22 2.04 -1.11
CA CYS A 65 1.62 2.98 -0.06
C CYS A 65 3.04 2.71 0.40
N GLU A 66 3.79 3.79 0.64
CA GLU A 66 5.14 3.68 1.17
C GLU A 66 5.26 4.41 2.51
N TYR A 67 5.65 3.67 3.54
CA TYR A 67 5.81 4.25 4.88
C TYR A 67 7.26 4.67 5.11
N GLN A 68 7.45 5.51 6.12
CA GLN A 68 8.80 5.95 6.50
C GLN A 68 9.46 4.95 7.43
N ASP A 69 8.70 3.96 7.88
CA ASP A 69 9.20 2.96 8.82
C ASP A 69 8.51 1.62 8.62
N GLN A 70 9.30 0.58 8.37
CA GLN A 70 8.76 -0.73 8.04
C GLN A 70 8.00 -1.32 9.22
N GLU A 71 8.23 -0.77 10.42
CA GLU A 71 7.46 -1.16 11.59
C GLU A 71 6.03 -0.67 11.51
N THR A 72 5.84 0.49 10.87
CA THR A 72 4.50 1.04 10.68
C THR A 72 3.86 0.47 9.42
N ALA A 73 4.68 0.02 8.48
CA ALA A 73 4.20 -0.72 7.33
C ALA A 73 3.61 -2.07 7.74
N LEU A 74 4.32 -2.77 8.62
CA LEU A 74 3.82 -4.02 9.17
C LEU A 74 2.61 -3.81 10.06
N SER A 75 2.62 -2.72 10.82
CA SER A 75 1.47 -2.34 11.64
C SER A 75 0.25 -2.04 10.77
N ALA A 76 0.48 -1.36 9.65
CA ALA A 76 -0.58 -1.09 8.69
C ALA A 76 -1.22 -2.37 8.19
N MET A 77 -0.39 -3.36 7.89
CA MET A 77 -0.87 -4.69 7.52
C MET A 77 -1.75 -5.28 8.61
N ARG A 78 -1.23 -5.28 9.83
CA ARG A 78 -1.89 -5.98 10.94
C ARG A 78 -3.15 -5.25 11.37
N ASN A 79 -3.22 -3.95 11.08
CA ASN A 79 -4.33 -3.12 11.52
C ASN A 79 -5.39 -3.01 10.42
N LEU A 80 -4.95 -2.66 9.22
CA LEU A 80 -5.87 -2.26 8.17
C LEU A 80 -6.50 -3.48 7.49
N ASN A 81 -5.79 -4.59 7.52
CA ASN A 81 -6.26 -5.82 6.88
C ASN A 81 -7.51 -6.34 7.58
N GLY A 82 -8.64 -6.27 6.88
CA GLY A 82 -9.92 -6.71 7.43
C GLY A 82 -10.68 -5.57 8.07
N ARG A 83 -10.06 -4.38 8.08
CA ARG A 83 -10.68 -3.20 8.67
C ARG A 83 -11.70 -2.58 7.71
N GLU A 84 -12.87 -2.23 8.24
CA GLU A 84 -13.93 -1.65 7.44
C GLU A 84 -13.59 -0.22 7.01
N PHE A 85 -13.77 0.05 5.72
CA PHE A 85 -13.57 1.41 5.20
C PHE A 85 -14.61 1.75 4.14
N SER A 86 -15.60 2.56 4.53
CA SER A 86 -16.74 2.84 3.66
C SER A 86 -17.51 1.57 3.34
N GLY A 87 -17.66 0.71 4.34
CA GLY A 87 -18.44 -0.52 4.19
C GLY A 87 -17.68 -1.57 3.39
N ARG A 88 -16.35 -1.47 3.43
CA ARG A 88 -15.50 -2.38 2.68
C ARG A 88 -14.28 -2.79 3.50
N ALA A 89 -14.13 -4.09 3.73
CA ALA A 89 -12.96 -4.62 4.42
C ALA A 89 -11.71 -4.52 3.54
N LEU A 90 -10.70 -3.84 4.04
CA LEU A 90 -9.51 -3.54 3.25
C LEU A 90 -8.62 -4.77 3.11
N ARG A 91 -8.00 -4.93 1.94
CA ARG A 91 -7.05 -6.01 1.72
C ARG A 91 -5.62 -5.50 1.73
N VAL A 92 -5.02 -5.47 2.92
CA VAL A 92 -3.71 -4.84 3.10
C VAL A 92 -2.66 -5.87 3.48
N ASP A 93 -1.51 -5.81 2.80
CA ASP A 93 -0.43 -6.77 3.03
C ASP A 93 0.93 -6.13 2.80
N ASN A 94 1.98 -6.88 3.12
CA ASN A 94 3.34 -6.40 2.94
C ASN A 94 3.81 -6.59 1.51
N ALA A 95 4.06 -5.47 0.82
CA ALA A 95 4.35 -5.51 -0.61
C ALA A 95 5.80 -5.89 -0.86
N ALA A 96 6.53 -6.17 0.21
CA ALA A 96 7.88 -6.72 0.10
C ALA A 96 7.88 -8.04 -0.65
N SER A 97 6.81 -8.81 -0.49
CA SER A 97 6.69 -10.11 -1.14
C SER A 97 6.60 -9.96 -2.66
N GLU A 98 7.30 -10.84 -3.37
CA GLU A 98 7.30 -10.82 -4.82
C GLU A 98 5.91 -11.07 -5.38
N LYS A 99 5.11 -11.83 -4.65
CA LYS A 99 3.74 -12.13 -5.06
C LYS A 99 2.89 -10.87 -5.07
N ASN A 100 3.07 -10.02 -4.05
CA ASN A 100 2.37 -8.75 -3.99
C ASN A 100 2.92 -7.75 -4.99
N LYS A 101 4.22 -7.85 -5.27
CA LYS A 101 4.85 -7.06 -6.31
C LYS A 101 4.33 -7.43 -7.69
N GLU A 102 4.09 -8.73 -7.89
CA GLU A 102 3.46 -9.22 -9.11
C GLU A 102 2.10 -8.56 -9.32
N GLU A 103 1.32 -8.48 -8.25
CA GLU A 103 0.02 -7.80 -8.29
C GLU A 103 0.19 -6.32 -8.65
N LEU A 104 1.20 -5.69 -8.07
CA LEU A 104 1.50 -4.30 -8.38
C LEU A 104 1.87 -4.13 -9.84
N LYS A 105 2.61 -5.09 -10.38
CA LYS A 105 3.00 -5.07 -11.78
C LYS A 105 1.78 -5.12 -12.70
N SER A 106 0.80 -5.94 -12.32
CA SER A 106 -0.43 -6.06 -13.09
C SER A 106 -1.29 -4.82 -12.95
N LEU A 107 -1.14 -4.12 -11.83
CA LEU A 107 -1.82 -2.85 -11.63
C LEU A 107 -1.18 -1.74 -12.46
N GLY A 108 0.14 -1.77 -12.56
CA GLY A 108 0.88 -0.76 -13.30
C GLY A 108 1.55 0.24 -12.36
N THR A 109 2.01 -0.26 -11.22
CA THR A 109 2.65 0.59 -10.21
C THR A 109 3.66 -0.19 -9.38
N GLY A 110 4.11 0.41 -8.30
CA GLY A 110 5.10 -0.22 -7.42
C GLY A 110 6.30 0.68 -7.20
N MET A 4 18.61 6.73 -15.36
CA MET A 4 18.89 6.85 -13.93
C MET A 4 19.65 5.63 -13.42
N ALA A 5 20.06 5.68 -12.15
CA ALA A 5 20.79 4.60 -11.53
C ALA A 5 20.78 4.72 -10.02
N GLY A 6 21.33 3.71 -9.34
CA GLY A 6 21.38 3.70 -7.88
C GLY A 6 22.28 4.80 -7.36
N LEU A 7 23.11 5.35 -8.23
CA LEU A 7 23.99 6.46 -7.88
C LEU A 7 23.27 7.80 -8.00
N THR A 8 22.05 7.76 -8.55
CA THR A 8 21.24 8.95 -8.70
C THR A 8 20.06 8.95 -7.73
N VAL A 9 19.63 7.76 -7.34
CA VAL A 9 18.53 7.61 -6.40
C VAL A 9 19.01 7.65 -4.96
N ARG A 10 18.32 8.41 -4.12
CA ARG A 10 18.66 8.51 -2.70
C ARG A 10 18.32 7.23 -1.96
N ASP A 11 19.19 6.84 -1.03
CA ASP A 11 19.03 5.57 -0.33
C ASP A 11 17.75 5.56 0.50
N PRO A 12 17.50 6.64 1.22
CA PRO A 12 16.28 6.79 1.98
C PRO A 12 15.04 6.46 1.15
N ALA A 13 15.05 6.93 -0.10
CA ALA A 13 13.94 6.69 -1.02
C ALA A 13 13.79 5.21 -1.33
N VAL A 14 14.91 4.54 -1.55
CA VAL A 14 14.91 3.10 -1.78
C VAL A 14 14.36 2.35 -0.58
N ASP A 15 14.80 2.74 0.62
CA ASP A 15 14.34 2.09 1.84
C ASP A 15 12.85 2.29 2.06
N ARG A 16 12.36 3.48 1.72
CA ARG A 16 10.95 3.79 1.85
C ARG A 16 10.10 2.94 0.92
N SER A 17 10.62 2.69 -0.28
CA SER A 17 9.95 1.81 -1.24
C SER A 17 9.96 0.37 -0.76
N LEU A 18 11.07 -0.04 -0.16
CA LEU A 18 11.18 -1.36 0.44
C LEU A 18 10.23 -1.51 1.63
N ARG A 19 10.12 -0.44 2.42
CA ARG A 19 9.24 -0.45 3.59
C ARG A 19 7.82 -0.04 3.21
N SER A 20 7.17 -0.88 2.41
CA SER A 20 5.85 -0.54 1.86
C SER A 20 4.92 -1.75 1.89
N VAL A 21 3.64 -1.49 1.72
CA VAL A 21 2.63 -2.54 1.71
C VAL A 21 1.72 -2.45 0.49
N PHE A 22 1.04 -3.54 0.18
CA PHE A 22 0.05 -3.54 -0.90
C PHE A 22 -1.37 -3.48 -0.34
N VAL A 23 -2.16 -2.56 -0.88
CA VAL A 23 -3.52 -2.34 -0.40
C VAL A 23 -4.55 -2.78 -1.42
N GLY A 24 -5.55 -3.53 -0.97
CA GLY A 24 -6.62 -3.98 -1.85
C GLY A 24 -7.99 -3.77 -1.21
N ASN A 25 -9.04 -4.14 -1.92
CA ASN A 25 -10.40 -3.94 -1.44
C ASN A 25 -10.64 -2.47 -1.08
N ILE A 26 -10.27 -1.57 -1.98
CA ILE A 26 -10.47 -0.15 -1.77
C ILE A 26 -11.78 0.33 -2.38
N PRO A 27 -12.64 0.90 -1.54
CA PRO A 27 -13.87 1.51 -2.01
C PRO A 27 -13.60 2.55 -3.09
N TYR A 28 -14.24 2.38 -4.24
CA TYR A 28 -14.01 3.26 -5.38
C TYR A 28 -14.40 4.70 -5.06
N GLU A 29 -15.28 4.87 -4.08
CA GLU A 29 -15.74 6.19 -3.68
C GLU A 29 -14.63 6.98 -2.99
N ALA A 30 -13.69 6.27 -2.38
CA ALA A 30 -12.60 6.90 -1.66
C ALA A 30 -11.57 7.49 -2.63
N THR A 31 -11.04 8.65 -2.27
CA THR A 31 -10.04 9.31 -3.08
C THR A 31 -8.63 8.93 -2.65
N GLU A 32 -7.65 9.21 -3.51
CA GLU A 32 -6.26 8.85 -3.22
C GLU A 32 -5.76 9.56 -1.97
N GLU A 33 -5.99 10.87 -1.89
CA GLU A 33 -5.56 11.65 -0.75
C GLU A 33 -6.28 11.24 0.52
N GLN A 34 -7.58 10.96 0.40
CA GLN A 34 -8.37 10.48 1.52
C GLN A 34 -7.77 9.19 2.10
N LEU A 35 -7.44 8.26 1.22
CA LEU A 35 -6.86 6.99 1.64
C LEU A 35 -5.53 7.20 2.35
N LYS A 36 -4.69 8.07 1.78
CA LYS A 36 -3.40 8.40 2.38
C LYS A 36 -3.59 8.93 3.80
N ASP A 37 -4.57 9.81 3.98
CA ASP A 37 -4.82 10.42 5.28
C ASP A 37 -5.16 9.37 6.33
N ILE A 38 -6.05 8.46 5.97
CA ILE A 38 -6.52 7.44 6.91
C ILE A 38 -5.50 6.32 7.07
N PHE A 39 -4.56 6.25 6.14
CA PHE A 39 -3.46 5.30 6.22
C PHE A 39 -2.33 5.83 7.10
N SER A 40 -2.26 7.15 7.21
CA SER A 40 -1.28 7.79 8.08
C SER A 40 -1.67 7.63 9.55
N GLU A 41 -2.87 7.14 9.79
CA GLU A 41 -3.36 6.92 11.15
C GLU A 41 -2.59 5.79 11.83
N VAL A 42 -2.06 4.87 11.02
CA VAL A 42 -1.45 3.65 11.55
C VAL A 42 0.06 3.65 11.33
N GLY A 43 0.56 4.75 10.80
CA GLY A 43 2.00 4.90 10.60
C GLY A 43 2.31 6.02 9.60
N PRO A 44 3.44 6.68 9.79
CA PRO A 44 3.85 7.76 8.90
C PRO A 44 3.93 7.29 7.46
N VAL A 45 3.04 7.82 6.62
CA VAL A 45 3.07 7.54 5.19
C VAL A 45 3.95 8.55 4.45
N VAL A 46 4.87 8.05 3.65
CA VAL A 46 5.79 8.91 2.91
C VAL A 46 5.41 8.99 1.43
N SER A 47 4.58 8.04 0.99
CA SER A 47 4.06 8.05 -0.37
C SER A 47 2.90 7.07 -0.52
N PHE A 48 1.96 7.42 -1.39
CA PHE A 48 0.83 6.54 -1.68
C PHE A 48 0.38 6.67 -3.12
N ARG A 49 0.14 5.53 -3.76
CA ARG A 49 -0.30 5.51 -5.15
C ARG A 49 -1.57 4.67 -5.32
N LEU A 50 -2.67 5.33 -5.66
CA LEU A 50 -3.93 4.64 -5.91
C LEU A 50 -4.09 4.35 -7.41
N VAL A 51 -4.25 3.07 -7.73
CA VAL A 51 -4.41 2.64 -9.12
C VAL A 51 -5.86 2.75 -9.56
N TYR A 52 -6.08 3.38 -10.70
CA TYR A 52 -7.44 3.63 -11.19
C TYR A 52 -7.53 3.45 -12.70
N ALA A 53 -8.76 3.29 -13.20
CA ALA A 53 -8.97 3.14 -14.63
C ALA A 53 -9.21 4.49 -15.30
N ARG A 54 -8.55 4.69 -16.44
CA ARG A 54 -8.68 5.93 -17.19
C ARG A 54 -10.02 5.99 -17.94
N GLU A 55 -10.57 4.82 -18.23
CA GLU A 55 -11.81 4.73 -18.99
C GLU A 55 -12.99 5.24 -18.17
N THR A 56 -12.97 4.96 -16.88
CA THR A 56 -14.07 5.34 -15.99
C THR A 56 -13.65 6.46 -15.05
N GLY A 57 -12.37 6.50 -14.73
CA GLY A 57 -11.84 7.48 -13.78
C GLY A 57 -12.00 6.98 -12.34
N LYS A 58 -12.42 5.73 -12.20
CA LYS A 58 -12.67 5.14 -10.88
C LYS A 58 -11.53 4.22 -10.46
N PRO A 59 -11.23 4.23 -9.17
CA PRO A 59 -10.20 3.35 -8.63
C PRO A 59 -10.47 1.90 -8.99
N LYS A 60 -9.41 1.15 -9.26
CA LYS A 60 -9.52 -0.27 -9.54
C LYS A 60 -9.67 -1.07 -8.26
N GLY A 61 -9.35 -0.44 -7.13
CA GLY A 61 -9.65 -1.01 -5.82
C GLY A 61 -8.38 -1.55 -5.16
N TYR A 62 -7.23 -1.10 -5.64
CA TYR A 62 -5.95 -1.50 -5.06
C TYR A 62 -4.88 -0.45 -5.33
N GLY A 63 -3.78 -0.53 -4.59
CA GLY A 63 -2.66 0.38 -4.77
C GLY A 63 -1.51 0.04 -3.83
N PHE A 64 -0.52 0.93 -3.76
CA PHE A 64 0.63 0.73 -2.89
C PHE A 64 0.82 1.90 -1.93
N CYS A 65 1.32 1.61 -0.74
CA CYS A 65 1.54 2.63 0.27
C CYS A 65 2.91 2.48 0.93
N GLU A 66 3.71 3.54 0.89
CA GLU A 66 5.05 3.51 1.45
C GLU A 66 5.07 4.15 2.84
N TYR A 67 5.79 3.53 3.76
CA TYR A 67 5.93 4.05 5.12
C TYR A 67 7.39 4.34 5.44
N GLN A 68 7.62 5.20 6.43
CA GLN A 68 8.97 5.58 6.82
C GLN A 68 9.70 4.42 7.48
N ASP A 69 9.00 3.71 8.37
CA ASP A 69 9.59 2.60 9.10
C ASP A 69 8.94 1.28 8.74
N GLN A 70 9.72 0.21 8.78
CA GLN A 70 9.22 -1.13 8.48
C GLN A 70 8.19 -1.57 9.51
N GLU A 71 8.41 -1.20 10.76
CA GLU A 71 7.50 -1.56 11.84
C GLU A 71 6.14 -0.88 11.66
N THR A 72 6.16 0.35 11.16
CA THR A 72 4.93 1.09 10.92
C THR A 72 4.23 0.59 9.66
N ALA A 73 5.00 0.05 8.72
CA ALA A 73 4.44 -0.63 7.57
C ALA A 73 3.76 -1.93 7.98
N LEU A 74 4.42 -2.69 8.85
CA LEU A 74 3.85 -3.93 9.37
C LEU A 74 2.67 -3.66 10.28
N SER A 75 2.75 -2.57 11.04
CA SER A 75 1.63 -2.12 11.86
C SER A 75 0.44 -1.75 11.01
N ALA A 76 0.70 -1.05 9.90
CA ALA A 76 -0.35 -0.73 8.93
C ALA A 76 -1.00 -1.99 8.39
N MET A 77 -0.18 -2.99 8.06
CA MET A 77 -0.68 -4.29 7.63
C MET A 77 -1.61 -4.88 8.69
N ARG A 78 -1.14 -4.90 9.94
CA ARG A 78 -1.86 -5.58 11.00
C ARG A 78 -3.09 -4.80 11.44
N ASN A 79 -3.08 -3.51 11.18
CA ASN A 79 -4.16 -2.62 11.60
C ASN A 79 -5.19 -2.45 10.50
N LEU A 80 -4.72 -2.08 9.31
CA LEU A 80 -5.61 -1.74 8.21
C LEU A 80 -6.32 -2.97 7.66
N ASN A 81 -5.63 -4.11 7.69
CA ASN A 81 -6.20 -5.36 7.19
C ASN A 81 -7.34 -5.83 8.07
N GLY A 82 -8.56 -5.74 7.55
CA GLY A 82 -9.74 -6.08 8.31
C GLY A 82 -10.62 -4.86 8.56
N ARG A 83 -10.07 -3.68 8.30
CA ARG A 83 -10.81 -2.44 8.44
C ARG A 83 -11.95 -2.35 7.45
N GLU A 84 -13.17 -2.63 7.92
CA GLU A 84 -14.33 -2.76 7.04
C GLU A 84 -14.94 -1.40 6.74
N PHE A 85 -15.13 -1.11 5.46
CA PHE A 85 -15.86 0.07 5.04
C PHE A 85 -17.24 -0.28 4.50
N SER A 86 -18.04 0.74 4.22
CA SER A 86 -19.41 0.54 3.77
C SER A 86 -19.43 -0.01 2.34
N GLY A 87 -18.29 0.06 1.67
CA GLY A 87 -18.19 -0.39 0.28
C GLY A 87 -17.34 -1.64 0.17
N ARG A 88 -16.18 -1.64 0.83
CA ARG A 88 -15.24 -2.75 0.74
C ARG A 88 -14.57 -3.01 2.09
N ALA A 89 -14.20 -4.26 2.32
CA ALA A 89 -13.44 -4.62 3.51
C ALA A 89 -11.94 -4.53 3.25
N LEU A 90 -11.30 -3.51 3.83
CA LEU A 90 -9.92 -3.17 3.49
C LEU A 90 -8.98 -4.32 3.76
N ARG A 91 -8.18 -4.69 2.77
CA ARG A 91 -7.16 -5.71 2.95
C ARG A 91 -5.76 -5.16 2.63
N VAL A 92 -4.87 -5.22 3.61
CA VAL A 92 -3.51 -4.76 3.43
C VAL A 92 -2.50 -5.85 3.77
N ASP A 93 -1.60 -6.13 2.84
CA ASP A 93 -0.57 -7.14 3.04
C ASP A 93 0.82 -6.59 2.76
N ASN A 94 1.81 -7.07 3.50
CA ASN A 94 3.19 -6.66 3.30
C ASN A 94 3.65 -6.95 1.87
N ALA A 95 4.17 -5.93 1.20
CA ALA A 95 4.56 -6.05 -0.19
C ALA A 95 5.75 -7.00 -0.35
N ALA A 96 5.73 -7.80 -1.41
CA ALA A 96 6.81 -8.73 -1.69
C ALA A 96 8.08 -7.99 -2.09
N SER A 97 9.23 -8.56 -1.74
CA SER A 97 10.52 -7.95 -2.03
C SER A 97 10.74 -7.82 -3.52
N GLU A 98 10.19 -8.77 -4.29
CA GLU A 98 10.29 -8.75 -5.74
C GLU A 98 9.41 -7.66 -6.34
N LYS A 99 8.26 -7.44 -5.73
CA LYS A 99 7.37 -6.34 -6.11
C LYS A 99 8.02 -5.00 -5.78
N ASN A 100 8.74 -4.94 -4.67
CA ASN A 100 9.47 -3.74 -4.28
C ASN A 100 10.58 -3.43 -5.29
N LYS A 101 11.23 -4.48 -5.79
CA LYS A 101 12.24 -4.33 -6.82
C LYS A 101 11.65 -3.69 -8.07
N GLU A 102 10.44 -4.11 -8.44
CA GLU A 102 9.74 -3.55 -9.59
C GLU A 102 9.40 -2.09 -9.36
N GLU A 103 9.08 -1.74 -8.12
CA GLU A 103 8.84 -0.35 -7.75
C GLU A 103 10.12 0.47 -7.82
N LEU A 104 11.24 -0.16 -7.45
CA LEU A 104 12.54 0.49 -7.52
C LEU A 104 12.98 0.69 -8.95
N LYS A 105 12.54 -0.19 -9.84
CA LYS A 105 12.76 -0.03 -11.27
C LYS A 105 12.06 1.21 -11.81
N SER A 106 10.83 1.43 -11.34
CA SER A 106 10.08 2.62 -11.72
C SER A 106 10.60 3.87 -11.01
N LEU A 107 11.23 3.66 -9.85
CA LEU A 107 11.90 4.73 -9.15
C LEU A 107 13.11 5.24 -9.92
N GLY A 108 13.90 4.30 -10.45
CA GLY A 108 15.01 4.65 -11.33
C GLY A 108 16.33 4.16 -10.77
N THR A 109 16.30 3.02 -10.08
CA THR A 109 17.50 2.44 -9.50
C THR A 109 18.26 1.59 -10.52
N GLY A 110 19.47 1.21 -10.17
CA GLY A 110 20.32 0.43 -11.07
C GLY A 110 21.71 0.23 -10.48
N MET A 4 30.41 -14.98 1.92
CA MET A 4 31.65 -14.29 2.23
C MET A 4 31.41 -13.15 3.21
N ALA A 5 30.99 -12.01 2.69
CA ALA A 5 30.76 -10.82 3.52
C ALA A 5 29.57 -11.04 4.45
N GLY A 6 28.54 -11.72 3.94
CA GLY A 6 27.34 -11.96 4.73
C GLY A 6 26.43 -10.73 4.74
N LEU A 7 26.56 -9.89 3.72
CA LEU A 7 25.80 -8.65 3.64
C LEU A 7 24.74 -8.72 2.55
N THR A 8 23.66 -7.97 2.74
CA THR A 8 22.58 -7.94 1.76
C THR A 8 22.83 -6.89 0.69
N VAL A 9 22.04 -6.94 -0.39
CA VAL A 9 22.19 -5.99 -1.48
C VAL A 9 21.53 -4.66 -1.15
N ARG A 10 22.30 -3.58 -1.25
CA ARG A 10 21.79 -2.25 -0.99
C ARG A 10 20.97 -1.72 -2.17
N ASP A 11 19.68 -1.48 -1.93
CA ASP A 11 18.79 -0.99 -2.97
C ASP A 11 17.63 -0.19 -2.37
N PRO A 12 17.68 1.12 -2.53
CA PRO A 12 16.65 1.99 -1.99
C PRO A 12 15.26 1.56 -2.46
N ALA A 13 15.18 1.06 -3.70
CA ALA A 13 13.91 0.64 -4.28
C ALA A 13 13.29 -0.49 -3.46
N VAL A 14 14.13 -1.43 -3.04
CA VAL A 14 13.68 -2.52 -2.18
C VAL A 14 13.24 -2.00 -0.81
N ASP A 15 14.04 -1.10 -0.25
CA ASP A 15 13.73 -0.51 1.04
C ASP A 15 12.36 0.18 1.02
N ARG A 16 12.05 0.82 -0.11
CA ARG A 16 10.77 1.50 -0.27
C ARG A 16 9.62 0.50 -0.30
N SER A 17 9.86 -0.65 -0.91
CA SER A 17 8.85 -1.71 -0.99
C SER A 17 8.70 -2.42 0.35
N LEU A 18 9.78 -2.40 1.15
CA LEU A 18 9.74 -2.96 2.49
C LEU A 18 8.96 -2.06 3.44
N ARG A 19 9.03 -0.76 3.22
CA ARG A 19 8.25 0.20 3.99
C ARG A 19 6.96 0.56 3.27
N SER A 20 6.28 -0.45 2.74
CA SER A 20 5.05 -0.23 1.97
C SER A 20 4.13 -1.45 2.03
N VAL A 21 2.83 -1.20 2.03
CA VAL A 21 1.84 -2.27 2.04
C VAL A 21 0.91 -2.18 0.84
N PHE A 22 0.40 -3.32 0.40
CA PHE A 22 -0.54 -3.36 -0.71
C PHE A 22 -1.98 -3.34 -0.21
N VAL A 23 -2.76 -2.40 -0.71
CA VAL A 23 -4.14 -2.23 -0.27
C VAL A 23 -5.12 -2.61 -1.37
N GLY A 24 -6.13 -3.40 -1.00
CA GLY A 24 -7.16 -3.83 -1.95
C GLY A 24 -8.56 -3.60 -1.40
N ASN A 25 -9.56 -3.91 -2.21
CA ASN A 25 -10.95 -3.68 -1.83
C ASN A 25 -11.23 -2.20 -1.61
N ILE A 26 -10.53 -1.35 -2.36
CA ILE A 26 -10.66 0.08 -2.21
C ILE A 26 -11.91 0.61 -2.91
N PRO A 27 -12.71 1.37 -2.19
CA PRO A 27 -13.91 1.99 -2.76
C PRO A 27 -13.53 3.09 -3.74
N TYR A 28 -14.26 3.16 -4.85
CA TYR A 28 -13.87 4.00 -5.98
C TYR A 28 -14.07 5.48 -5.65
N GLU A 29 -14.99 5.76 -4.74
CA GLU A 29 -15.29 7.13 -4.37
C GLU A 29 -14.21 7.72 -3.47
N ALA A 30 -13.32 6.85 -2.99
CA ALA A 30 -12.22 7.28 -2.13
C ALA A 30 -11.04 7.77 -2.96
N THR A 31 -10.36 8.80 -2.45
CA THR A 31 -9.17 9.33 -3.12
C THR A 31 -7.90 8.90 -2.40
N GLU A 32 -6.77 9.15 -3.03
CA GLU A 32 -5.47 8.81 -2.45
C GLU A 32 -5.24 9.56 -1.14
N GLU A 33 -5.67 10.82 -1.11
CA GLU A 33 -5.51 11.65 0.07
C GLU A 33 -6.34 11.13 1.23
N GLN A 34 -7.56 10.70 0.93
CA GLN A 34 -8.45 10.13 1.93
C GLN A 34 -7.91 8.81 2.46
N LEU A 35 -7.35 8.00 1.56
CA LEU A 35 -6.77 6.72 1.94
C LEU A 35 -5.58 6.91 2.88
N LYS A 36 -4.74 7.89 2.55
CA LYS A 36 -3.59 8.21 3.39
C LYS A 36 -4.02 8.65 4.78
N ASP A 37 -5.10 9.42 4.84
CA ASP A 37 -5.61 9.95 6.10
C ASP A 37 -6.02 8.80 7.03
N ILE A 38 -6.75 7.83 6.48
CA ILE A 38 -7.26 6.71 7.27
C ILE A 38 -6.17 5.70 7.57
N PHE A 39 -5.07 5.79 6.82
CA PHE A 39 -3.93 4.91 7.04
C PHE A 39 -2.89 5.55 7.94
N SER A 40 -3.03 6.86 8.14
CA SER A 40 -2.10 7.60 8.99
C SER A 40 -2.31 7.26 10.46
N GLU A 41 -3.38 6.53 10.75
CA GLU A 41 -3.65 6.06 12.11
C GLU A 41 -2.49 5.22 12.63
N VAL A 42 -1.84 4.49 11.73
CA VAL A 42 -0.72 3.63 12.10
C VAL A 42 0.55 4.43 12.31
N GLY A 43 0.86 5.29 11.35
CA GLY A 43 2.06 6.12 11.41
C GLY A 43 2.17 7.02 10.19
N PRO A 44 3.26 7.78 10.11
CA PRO A 44 3.46 8.73 9.03
C PRO A 44 3.45 8.03 7.67
N VAL A 45 2.65 8.56 6.74
CA VAL A 45 2.56 8.00 5.40
C VAL A 45 3.27 8.90 4.39
N VAL A 46 4.16 8.30 3.59
CA VAL A 46 4.89 9.03 2.57
C VAL A 46 4.00 9.37 1.39
N SER A 47 3.34 8.36 0.84
CA SER A 47 2.50 8.54 -0.34
C SER A 47 1.60 7.32 -0.57
N PHE A 48 0.78 7.40 -1.60
CA PHE A 48 -0.07 6.27 -1.99
C PHE A 48 -0.21 6.18 -3.50
N ARG A 49 -0.05 4.97 -4.04
CA ARG A 49 -0.17 4.75 -5.48
C ARG A 49 -1.45 4.00 -5.81
N LEU A 50 -2.53 4.74 -6.05
CA LEU A 50 -3.80 4.13 -6.40
C LEU A 50 -3.85 3.75 -7.89
N VAL A 51 -4.09 2.47 -8.15
CA VAL A 51 -4.17 1.98 -9.52
C VAL A 51 -5.57 2.17 -10.09
N TYR A 52 -5.64 2.75 -11.29
CA TYR A 52 -6.93 3.07 -11.91
C TYR A 52 -6.85 2.93 -13.42
N ALA A 53 -8.01 2.81 -14.06
CA ALA A 53 -8.08 2.74 -15.52
C ALA A 53 -7.83 4.09 -16.15
N ARG A 54 -6.85 4.16 -17.04
CA ARG A 54 -6.50 5.42 -17.70
C ARG A 54 -7.54 5.79 -18.75
N GLU A 55 -8.26 4.80 -19.24
CA GLU A 55 -9.25 5.02 -20.30
C GLU A 55 -10.51 5.68 -19.75
N THR A 56 -10.91 5.27 -18.56
CA THR A 56 -12.16 5.73 -17.97
C THR A 56 -11.91 6.61 -16.75
N GLY A 57 -10.80 6.36 -16.06
CA GLY A 57 -10.47 7.08 -14.85
C GLY A 57 -11.02 6.37 -13.62
N LYS A 58 -11.61 5.19 -13.84
CA LYS A 58 -12.22 4.43 -12.75
C LYS A 58 -11.17 3.63 -12.00
N PRO A 59 -11.12 3.82 -10.68
CA PRO A 59 -10.20 3.08 -9.83
C PRO A 59 -10.37 1.57 -9.99
N LYS A 60 -9.27 0.84 -9.90
CA LYS A 60 -9.32 -0.61 -9.94
C LYS A 60 -9.68 -1.20 -8.58
N GLY A 61 -9.45 -0.42 -7.53
CA GLY A 61 -9.70 -0.87 -6.17
C GLY A 61 -8.43 -1.37 -5.50
N TYR A 62 -7.29 -1.12 -6.14
CA TYR A 62 -6.00 -1.56 -5.62
C TYR A 62 -4.97 -0.45 -5.66
N GLY A 63 -4.02 -0.49 -4.74
CA GLY A 63 -2.94 0.49 -4.70
C GLY A 63 -1.94 0.16 -3.60
N PHE A 64 -0.90 0.98 -3.49
CA PHE A 64 0.14 0.76 -2.49
C PHE A 64 0.27 1.94 -1.54
N CYS A 65 0.49 1.65 -0.27
CA CYS A 65 0.67 2.69 0.74
C CYS A 65 2.07 2.66 1.31
N GLU A 66 2.82 3.73 1.07
CA GLU A 66 4.22 3.80 1.52
C GLU A 66 4.36 4.56 2.82
N TYR A 67 4.96 3.91 3.81
CA TYR A 67 5.21 4.55 5.11
C TYR A 67 6.65 5.03 5.22
N GLN A 68 6.89 5.94 6.16
CA GLN A 68 8.22 6.47 6.40
C GLN A 68 9.12 5.41 7.04
N ASP A 69 8.51 4.47 7.75
CA ASP A 69 9.26 3.46 8.49
C ASP A 69 8.82 2.05 8.08
N GLN A 70 9.79 1.15 8.01
CA GLN A 70 9.53 -0.21 7.54
C GLN A 70 8.66 -0.97 8.54
N GLU A 71 8.98 -0.83 9.83
CA GLU A 71 8.24 -1.51 10.88
C GLU A 71 6.83 -0.95 11.02
N THR A 72 6.71 0.35 10.82
CA THR A 72 5.40 1.00 10.78
C THR A 72 4.52 0.41 9.68
N ALA A 73 5.12 0.19 8.52
CA ALA A 73 4.41 -0.46 7.41
C ALA A 73 4.00 -1.87 7.78
N LEU A 74 4.91 -2.60 8.43
CA LEU A 74 4.62 -3.95 8.89
C LEU A 74 3.50 -3.97 9.92
N SER A 75 3.49 -2.94 10.78
CA SER A 75 2.40 -2.76 11.73
C SER A 75 1.08 -2.49 11.03
N ALA A 76 1.13 -1.69 9.97
CA ALA A 76 -0.05 -1.42 9.15
C ALA A 76 -0.60 -2.70 8.54
N MET A 77 0.30 -3.55 8.07
CA MET A 77 -0.09 -4.87 7.58
C MET A 77 -0.83 -5.67 8.65
N ARG A 78 -0.25 -5.70 9.85
CA ARG A 78 -0.82 -6.48 10.94
C ARG A 78 -2.14 -5.89 11.41
N ASN A 79 -2.25 -4.57 11.36
CA ASN A 79 -3.36 -3.87 12.01
C ASN A 79 -4.50 -3.64 11.01
N LEU A 80 -4.17 -3.09 9.85
CA LEU A 80 -5.18 -2.52 8.96
C LEU A 80 -5.79 -3.59 8.07
N ASN A 81 -5.18 -4.77 8.06
CA ASN A 81 -5.62 -5.86 7.21
C ASN A 81 -6.96 -6.42 7.67
N GLY A 82 -8.00 -6.12 6.90
CA GLY A 82 -9.35 -6.57 7.25
C GLY A 82 -10.04 -5.58 8.19
N ARG A 83 -9.41 -4.42 8.39
CA ARG A 83 -9.95 -3.40 9.28
C ARG A 83 -11.01 -2.57 8.58
N GLU A 84 -12.10 -2.28 9.30
CA GLU A 84 -13.19 -1.49 8.75
C GLU A 84 -12.90 0.00 8.84
N PHE A 85 -13.04 0.70 7.71
CA PHE A 85 -12.82 2.13 7.66
C PHE A 85 -14.11 2.88 7.33
N SER A 86 -14.94 3.08 8.35
CA SER A 86 -16.20 3.78 8.18
C SER A 86 -17.12 3.05 7.20
N GLY A 87 -17.18 1.73 7.34
CA GLY A 87 -18.06 0.93 6.50
C GLY A 87 -17.33 0.42 5.26
N ARG A 88 -16.00 0.53 5.28
CA ARG A 88 -15.18 0.09 4.16
C ARG A 88 -14.01 -0.77 4.64
N ALA A 89 -14.24 -2.08 4.69
CA ALA A 89 -13.18 -3.02 5.07
C ALA A 89 -12.17 -3.18 3.94
N LEU A 90 -10.90 -2.95 4.25
CA LEU A 90 -9.84 -2.98 3.25
C LEU A 90 -8.85 -4.10 3.53
N ARG A 91 -8.28 -4.66 2.47
CA ARG A 91 -7.24 -5.68 2.61
C ARG A 91 -5.85 -5.06 2.53
N VAL A 92 -5.01 -5.34 3.52
CA VAL A 92 -3.69 -4.74 3.60
C VAL A 92 -2.62 -5.81 3.79
N ASP A 93 -1.83 -6.04 2.76
CA ASP A 93 -0.74 -7.02 2.82
C ASP A 93 0.62 -6.36 2.60
N ASN A 94 1.68 -7.14 2.72
CA ASN A 94 3.02 -6.66 2.49
C ASN A 94 3.29 -6.47 1.00
N ALA A 95 3.64 -5.24 0.61
CA ALA A 95 3.86 -4.92 -0.79
C ALA A 95 5.02 -5.74 -1.36
N ALA A 96 5.97 -6.11 -0.51
CA ALA A 96 7.16 -6.81 -0.95
C ALA A 96 6.96 -8.32 -0.91
N SER A 97 5.74 -8.74 -0.60
CA SER A 97 5.42 -10.16 -0.51
C SER A 97 5.66 -10.85 -1.85
N GLU A 98 6.54 -11.85 -1.85
CA GLU A 98 6.81 -12.64 -3.04
C GLU A 98 5.69 -13.64 -3.30
N LYS A 99 5.02 -14.07 -2.24
CA LYS A 99 3.92 -15.01 -2.34
C LYS A 99 2.71 -14.37 -3.01
N ASN A 100 2.51 -13.09 -2.74
CA ASN A 100 1.39 -12.35 -3.32
C ASN A 100 1.84 -11.54 -4.53
N LYS A 101 3.10 -11.75 -4.95
CA LYS A 101 3.66 -11.01 -6.06
C LYS A 101 3.03 -11.43 -7.38
N GLU A 102 2.75 -12.73 -7.51
CA GLU A 102 2.12 -13.26 -8.71
C GLU A 102 0.69 -12.76 -8.84
N GLU A 103 0.03 -12.56 -7.70
CA GLU A 103 -1.28 -11.93 -7.66
C GLU A 103 -1.22 -10.51 -8.20
N LEU A 104 -0.22 -9.75 -7.75
CA LEU A 104 -0.03 -8.38 -8.21
C LEU A 104 0.17 -8.33 -9.72
N LYS A 105 0.85 -9.33 -10.26
CA LYS A 105 1.03 -9.44 -11.70
C LYS A 105 -0.30 -9.61 -12.42
N SER A 106 -1.15 -10.47 -11.88
CA SER A 106 -2.45 -10.74 -12.48
C SER A 106 -3.40 -9.55 -12.32
N LEU A 107 -3.18 -8.77 -11.26
CA LEU A 107 -3.94 -7.55 -11.03
C LEU A 107 -3.46 -6.42 -11.92
N GLY A 108 -2.17 -6.44 -12.24
CA GLY A 108 -1.58 -5.43 -13.12
C GLY A 108 -1.27 -4.15 -12.34
N THR A 109 -0.99 -4.31 -11.05
CA THR A 109 -0.72 -3.16 -10.19
C THR A 109 0.77 -2.85 -10.13
N GLY A 110 1.11 -1.65 -9.65
CA GLY A 110 2.50 -1.25 -9.49
C GLY A 110 2.62 0.26 -9.31
N MET A 4 11.56 -9.04 5.40
CA MET A 4 12.76 -9.86 5.26
C MET A 4 12.75 -11.03 6.25
N ALA A 5 13.77 -11.88 6.15
CA ALA A 5 13.89 -13.02 7.04
C ALA A 5 15.32 -13.17 7.54
N GLY A 6 15.85 -12.12 8.16
CA GLY A 6 17.24 -12.09 8.57
C GLY A 6 18.17 -11.80 7.40
N LEU A 7 17.64 -11.14 6.39
CA LEU A 7 18.38 -10.90 5.16
C LEU A 7 19.08 -9.54 5.19
N THR A 8 20.24 -9.47 4.55
CA THR A 8 21.00 -8.22 4.47
C THR A 8 20.63 -7.45 3.21
N VAL A 9 20.12 -6.23 3.38
CA VAL A 9 19.71 -5.41 2.25
C VAL A 9 20.56 -4.14 2.18
N ARG A 10 21.23 -3.95 1.04
CA ARG A 10 22.03 -2.75 0.82
C ARG A 10 21.43 -1.90 -0.29
N ASP A 11 20.26 -2.30 -0.77
CA ASP A 11 19.58 -1.57 -1.84
C ASP A 11 18.43 -0.72 -1.31
N PRO A 12 18.60 0.59 -1.38
CA PRO A 12 17.58 1.51 -0.89
C PRO A 12 16.22 1.20 -1.51
N ALA A 13 16.23 0.78 -2.78
CA ALA A 13 15.00 0.49 -3.49
C ALA A 13 14.24 -0.65 -2.83
N VAL A 14 14.97 -1.67 -2.38
CA VAL A 14 14.36 -2.78 -1.67
C VAL A 14 13.85 -2.34 -0.30
N ASP A 15 14.61 -1.50 0.37
CA ASP A 15 14.19 -0.94 1.65
C ASP A 15 12.87 -0.18 1.52
N ARG A 16 12.71 0.53 0.41
CA ARG A 16 11.48 1.26 0.15
C ARG A 16 10.31 0.32 -0.09
N SER A 17 10.58 -0.78 -0.80
CA SER A 17 9.56 -1.78 -1.07
C SER A 17 9.25 -2.59 0.19
N LEU A 18 10.20 -2.61 1.12
CA LEU A 18 9.99 -3.26 2.41
C LEU A 18 9.06 -2.45 3.30
N ARG A 19 9.26 -1.14 3.31
CA ARG A 19 8.45 -0.24 4.12
C ARG A 19 7.19 0.17 3.38
N SER A 20 6.99 -0.38 2.19
CA SER A 20 5.76 -0.18 1.43
C SER A 20 4.86 -1.41 1.52
N VAL A 21 3.55 -1.19 1.40
CA VAL A 21 2.59 -2.28 1.40
C VAL A 21 1.67 -2.19 0.17
N PHE A 22 1.05 -3.31 -0.16
CA PHE A 22 0.03 -3.34 -1.21
C PHE A 22 -1.37 -3.46 -0.61
N VAL A 23 -2.24 -2.52 -0.98
CA VAL A 23 -3.56 -2.43 -0.39
C VAL A 23 -4.64 -2.73 -1.42
N GLY A 24 -5.51 -3.69 -1.09
CA GLY A 24 -6.64 -4.02 -1.95
C GLY A 24 -7.96 -3.68 -1.27
N ASN A 25 -9.06 -3.89 -1.99
CA ASN A 25 -10.39 -3.60 -1.47
C ASN A 25 -10.51 -2.14 -1.04
N ILE A 26 -9.94 -1.25 -1.85
CA ILE A 26 -10.00 0.18 -1.56
C ILE A 26 -11.29 0.79 -2.10
N PRO A 27 -12.02 1.49 -1.24
CA PRO A 27 -13.19 2.23 -1.64
C PRO A 27 -12.90 3.14 -2.83
N TYR A 28 -13.58 2.91 -3.94
CA TYR A 28 -13.34 3.65 -5.17
C TYR A 28 -13.78 5.10 -5.04
N GLU A 29 -14.61 5.37 -4.03
CA GLU A 29 -15.12 6.71 -3.80
C GLU A 29 -14.11 7.56 -3.02
N ALA A 30 -13.11 6.90 -2.45
CA ALA A 30 -12.08 7.57 -1.67
C ALA A 30 -10.93 8.03 -2.55
N THR A 31 -10.45 9.25 -2.31
CA THR A 31 -9.30 9.78 -3.04
C THR A 31 -7.99 9.39 -2.38
N GLU A 32 -6.89 9.62 -3.08
CA GLU A 32 -5.57 9.29 -2.56
C GLU A 32 -5.28 10.04 -1.27
N GLU A 33 -5.70 11.29 -1.21
CA GLU A 33 -5.48 12.12 -0.03
C GLU A 33 -6.31 11.65 1.15
N GLN A 34 -7.55 11.24 0.87
CA GLN A 34 -8.43 10.70 1.90
C GLN A 34 -7.90 9.38 2.44
N LEU A 35 -7.36 8.55 1.54
CA LEU A 35 -6.85 7.25 1.93
C LEU A 35 -5.58 7.38 2.78
N LYS A 36 -4.74 8.34 2.43
CA LYS A 36 -3.55 8.64 3.21
C LYS A 36 -3.92 9.14 4.61
N ASP A 37 -4.97 9.93 4.68
CA ASP A 37 -5.50 10.38 5.96
C ASP A 37 -5.95 9.21 6.82
N ILE A 38 -6.61 8.24 6.17
CA ILE A 38 -6.96 6.99 6.84
C ILE A 38 -5.72 6.24 7.30
N PHE A 39 -4.71 6.17 6.43
CA PHE A 39 -3.52 5.37 6.69
C PHE A 39 -2.65 6.01 7.76
N SER A 40 -2.81 7.32 7.94
CA SER A 40 -2.07 8.04 8.96
C SER A 40 -2.47 7.59 10.36
N GLU A 41 -3.61 6.93 10.46
CA GLU A 41 -4.04 6.30 11.70
C GLU A 41 -2.97 5.34 12.22
N VAL A 42 -2.32 4.64 11.30
CA VAL A 42 -1.28 3.69 11.67
C VAL A 42 0.03 4.40 11.98
N GLY A 43 0.45 5.28 11.08
CA GLY A 43 1.70 6.02 11.25
C GLY A 43 1.98 6.92 10.05
N PRO A 44 3.14 7.56 10.06
CA PRO A 44 3.50 8.51 9.01
C PRO A 44 3.49 7.85 7.64
N VAL A 45 2.84 8.50 6.67
CA VAL A 45 2.78 7.99 5.31
C VAL A 45 3.70 8.80 4.39
N VAL A 46 4.66 8.11 3.78
CA VAL A 46 5.62 8.76 2.90
C VAL A 46 4.99 9.07 1.54
N SER A 47 4.35 8.06 0.95
CA SER A 47 3.75 8.22 -0.37
C SER A 47 2.60 7.23 -0.56
N PHE A 48 1.79 7.46 -1.58
CA PHE A 48 0.71 6.54 -1.92
C PHE A 48 0.29 6.70 -3.38
N ARG A 49 0.01 5.57 -4.04
CA ARG A 49 -0.45 5.58 -5.42
C ARG A 49 -1.66 4.69 -5.61
N LEU A 50 -2.77 5.29 -6.04
CA LEU A 50 -4.01 4.55 -6.24
C LEU A 50 -4.20 4.17 -7.70
N VAL A 51 -4.35 2.87 -7.95
CA VAL A 51 -4.51 2.37 -9.31
C VAL A 51 -5.97 2.46 -9.76
N TYR A 52 -6.17 2.95 -10.98
CA TYR A 52 -7.51 3.18 -11.50
C TYR A 52 -7.61 2.77 -12.96
N ALA A 53 -8.83 2.57 -13.43
CA ALA A 53 -9.07 2.20 -14.82
C ALA A 53 -9.35 3.44 -15.68
N ARG A 54 -8.74 3.50 -16.84
CA ARG A 54 -8.94 4.61 -17.77
C ARG A 54 -10.28 4.49 -18.48
N GLU A 55 -10.78 3.27 -18.59
CA GLU A 55 -12.03 3.00 -19.29
C GLU A 55 -13.22 3.57 -18.53
N THR A 56 -13.16 3.49 -17.20
CA THR A 56 -14.24 3.96 -16.35
C THR A 56 -13.88 5.26 -15.65
N GLY A 57 -12.58 5.45 -15.41
CA GLY A 57 -12.10 6.62 -14.68
C GLY A 57 -12.20 6.41 -13.18
N LYS A 58 -12.51 5.18 -12.78
CA LYS A 58 -12.69 4.86 -11.36
C LYS A 58 -11.58 3.96 -10.86
N PRO A 59 -11.22 4.12 -9.58
CA PRO A 59 -10.21 3.28 -8.96
C PRO A 59 -10.56 1.81 -9.09
N LYS A 60 -9.54 0.98 -9.27
CA LYS A 60 -9.72 -0.47 -9.35
C LYS A 60 -9.87 -1.08 -7.96
N GLY A 61 -9.51 -0.30 -6.94
CA GLY A 61 -9.59 -0.76 -5.56
C GLY A 61 -8.24 -1.27 -5.07
N TYR A 62 -7.19 -0.97 -5.82
CA TYR A 62 -5.84 -1.41 -5.48
C TYR A 62 -4.85 -0.26 -5.58
N GLY A 63 -3.80 -0.33 -4.78
CA GLY A 63 -2.73 0.66 -4.81
C GLY A 63 -1.63 0.33 -3.82
N PHE A 64 -0.58 1.15 -3.82
CA PHE A 64 0.57 0.92 -2.95
C PHE A 64 0.79 2.09 -1.99
N CYS A 65 1.18 1.78 -0.77
CA CYS A 65 1.38 2.79 0.25
C CYS A 65 2.74 2.66 0.91
N GLU A 66 3.51 3.74 0.91
CA GLU A 66 4.85 3.75 1.49
C GLU A 66 4.85 4.43 2.86
N TYR A 67 5.34 3.71 3.87
CA TYR A 67 5.39 4.23 5.22
C TYR A 67 6.81 4.61 5.62
N GLN A 68 6.95 5.32 6.73
CA GLN A 68 8.24 5.84 7.16
C GLN A 68 9.25 4.71 7.36
N ASP A 69 8.77 3.58 7.88
CA ASP A 69 9.63 2.42 8.13
C ASP A 69 8.84 1.13 8.02
N GLN A 70 9.55 0.00 8.11
CA GLN A 70 8.95 -1.30 7.90
C GLN A 70 8.12 -1.72 9.11
N GLU A 71 8.38 -1.11 10.25
CA GLU A 71 7.61 -1.34 11.46
C GLU A 71 6.20 -0.77 11.33
N THR A 72 6.10 0.43 10.77
CA THR A 72 4.81 1.04 10.49
C THR A 72 4.09 0.29 9.37
N ALA A 73 4.85 -0.15 8.37
CA ALA A 73 4.29 -0.92 7.27
C ALA A 73 3.67 -2.22 7.76
N LEU A 74 4.39 -2.93 8.61
CA LEU A 74 3.91 -4.18 9.18
C LEU A 74 2.74 -3.93 10.15
N SER A 75 2.80 -2.79 10.84
CA SER A 75 1.69 -2.36 11.68
C SER A 75 0.44 -2.11 10.85
N ALA A 76 0.63 -1.48 9.69
CA ALA A 76 -0.47 -1.25 8.75
C ALA A 76 -1.07 -2.57 8.28
N MET A 77 -0.20 -3.53 7.97
CA MET A 77 -0.65 -4.88 7.63
C MET A 77 -1.55 -5.45 8.71
N ARG A 78 -1.17 -5.24 9.96
CA ARG A 78 -1.88 -5.83 11.10
C ARG A 78 -3.11 -5.00 11.46
N ASN A 79 -3.05 -3.71 11.18
CA ASN A 79 -4.07 -2.78 11.64
C ASN A 79 -5.15 -2.57 10.58
N LEU A 80 -4.71 -2.23 9.37
CA LEU A 80 -5.64 -1.82 8.31
C LEU A 80 -6.35 -3.02 7.71
N ASN A 81 -5.67 -4.17 7.70
CA ASN A 81 -6.21 -5.37 7.10
C ASN A 81 -7.43 -5.87 7.86
N GLY A 82 -8.61 -5.78 7.23
CA GLY A 82 -9.85 -6.22 7.86
C GLY A 82 -10.72 -5.04 8.23
N ARG A 83 -10.16 -3.84 8.12
CA ARG A 83 -10.90 -2.61 8.44
C ARG A 83 -11.90 -2.26 7.34
N GLU A 84 -13.17 -2.24 7.69
CA GLU A 84 -14.23 -2.03 6.71
C GLU A 84 -14.52 -0.55 6.52
N PHE A 85 -14.39 -0.09 5.27
CA PHE A 85 -14.74 1.28 4.93
C PHE A 85 -15.82 1.32 3.85
N SER A 86 -17.06 1.56 4.27
CA SER A 86 -18.18 1.61 3.35
C SER A 86 -18.38 0.27 2.64
N GLY A 87 -18.25 -0.81 3.41
CA GLY A 87 -18.47 -2.14 2.86
C GLY A 87 -17.24 -2.66 2.13
N ARG A 88 -16.08 -2.11 2.48
CA ARG A 88 -14.83 -2.49 1.85
C ARG A 88 -13.75 -2.78 2.89
N ALA A 89 -13.68 -4.03 3.33
CA ALA A 89 -12.63 -4.46 4.24
C ALA A 89 -11.28 -4.50 3.53
N LEU A 90 -10.34 -3.67 4.00
CA LEU A 90 -9.06 -3.50 3.34
C LEU A 90 -8.24 -4.79 3.38
N ARG A 91 -7.53 -5.08 2.30
CA ARG A 91 -6.58 -6.19 2.27
C ARG A 91 -5.15 -5.68 2.15
N VAL A 92 -4.45 -5.62 3.28
CA VAL A 92 -3.14 -4.99 3.34
C VAL A 92 -2.05 -6.02 3.65
N ASP A 93 -0.98 -5.99 2.86
CA ASP A 93 0.18 -6.84 3.11
C ASP A 93 1.44 -6.23 2.53
N ASN A 94 2.59 -6.64 3.07
CA ASN A 94 3.86 -6.04 2.70
C ASN A 94 4.18 -6.29 1.22
N ALA A 95 4.54 -5.22 0.52
CA ALA A 95 4.76 -5.31 -0.93
C ALA A 95 5.95 -6.20 -1.25
N ALA A 96 6.84 -6.39 -0.28
CA ALA A 96 8.04 -7.19 -0.48
C ALA A 96 7.73 -8.68 -0.36
N SER A 97 6.54 -8.99 0.16
CA SER A 97 6.13 -10.38 0.31
C SER A 97 5.97 -11.06 -1.03
N GLU A 98 6.57 -12.24 -1.16
CA GLU A 98 6.50 -13.01 -2.40
C GLU A 98 5.07 -13.42 -2.71
N LYS A 99 4.34 -13.82 -1.67
CA LYS A 99 2.94 -14.20 -1.83
C LYS A 99 2.09 -13.03 -2.28
N ASN A 100 2.36 -11.86 -1.70
CA ASN A 100 1.70 -10.63 -2.12
C ASN A 100 1.98 -10.31 -3.59
N LYS A 101 3.23 -10.51 -3.99
CA LYS A 101 3.63 -10.28 -5.37
C LYS A 101 2.89 -11.22 -6.33
N GLU A 102 2.67 -12.45 -5.88
CA GLU A 102 1.94 -13.43 -6.68
C GLU A 102 0.49 -13.03 -6.87
N GLU A 103 -0.10 -12.44 -5.83
CA GLU A 103 -1.44 -11.88 -5.91
C GLU A 103 -1.48 -10.71 -6.90
N LEU A 104 -0.46 -9.86 -6.83
CA LEU A 104 -0.32 -8.75 -7.77
C LEU A 104 -0.26 -9.26 -9.21
N LYS A 105 0.48 -10.33 -9.42
CA LYS A 105 0.61 -10.93 -10.75
C LYS A 105 -0.75 -11.33 -11.29
N SER A 106 -1.58 -11.94 -10.44
CA SER A 106 -2.90 -12.38 -10.85
C SER A 106 -3.83 -11.21 -11.13
N LEU A 107 -3.55 -10.08 -10.49
CA LEU A 107 -4.29 -8.85 -10.74
C LEU A 107 -3.85 -8.19 -12.04
N GLY A 108 -2.54 -8.26 -12.32
CA GLY A 108 -2.00 -7.69 -13.54
C GLY A 108 -1.24 -6.40 -13.24
N THR A 109 -0.75 -5.75 -14.29
CA THR A 109 0.00 -4.51 -14.14
C THR A 109 -0.86 -3.41 -13.52
N GLY A 110 -0.35 -2.79 -12.47
CA GLY A 110 -1.07 -1.73 -11.78
C GLY A 110 -0.14 -0.63 -11.31
N MET A 4 20.28 18.02 -12.00
CA MET A 4 21.13 19.20 -12.08
C MET A 4 22.35 19.06 -11.17
N ALA A 5 22.17 19.36 -9.89
CA ALA A 5 23.27 19.29 -8.93
C ALA A 5 23.73 17.86 -8.72
N GLY A 6 22.77 16.93 -8.69
CA GLY A 6 23.09 15.52 -8.50
C GLY A 6 23.26 15.20 -7.02
N LEU A 7 22.70 16.05 -6.16
CA LEU A 7 22.83 15.88 -4.73
C LEU A 7 21.66 15.08 -4.16
N THR A 8 20.64 14.88 -4.99
CA THR A 8 19.45 14.12 -4.59
C THR A 8 19.65 12.64 -4.86
N VAL A 9 19.48 11.82 -3.81
CA VAL A 9 19.63 10.38 -3.94
C VAL A 9 18.31 9.67 -3.68
N ARG A 10 17.86 8.89 -4.65
CA ARG A 10 16.61 8.14 -4.52
C ARG A 10 16.81 6.88 -3.67
N ASP A 11 15.81 6.57 -2.86
CA ASP A 11 15.87 5.39 -2.01
C ASP A 11 15.72 4.11 -2.83
N PRO A 12 16.40 3.06 -2.39
CA PRO A 12 16.33 1.76 -3.07
C PRO A 12 14.89 1.30 -3.23
N ALA A 13 14.54 0.87 -4.44
CA ALA A 13 13.18 0.42 -4.74
C ALA A 13 12.78 -0.74 -3.83
N VAL A 14 13.75 -1.60 -3.53
CA VAL A 14 13.52 -2.72 -2.62
C VAL A 14 13.07 -2.23 -1.24
N ASP A 15 13.82 -1.28 -0.70
CA ASP A 15 13.49 -0.72 0.62
C ASP A 15 12.13 -0.02 0.59
N ARG A 16 11.80 0.60 -0.53
CA ARG A 16 10.52 1.27 -0.68
C ARG A 16 9.36 0.28 -0.68
N SER A 17 9.61 -0.92 -1.23
CA SER A 17 8.61 -1.97 -1.23
C SER A 17 8.52 -2.66 0.13
N LEU A 18 9.62 -2.60 0.89
CA LEU A 18 9.65 -3.15 2.24
C LEU A 18 8.94 -2.23 3.22
N ARG A 19 9.01 -0.92 2.95
CA ARG A 19 8.38 0.06 3.83
C ARG A 19 7.04 0.52 3.28
N SER A 20 6.35 -0.38 2.58
CA SER A 20 5.05 -0.07 2.01
C SER A 20 4.16 -1.31 1.94
N VAL A 21 2.86 -1.09 1.81
CA VAL A 21 1.90 -2.18 1.76
C VAL A 21 1.00 -2.07 0.54
N PHE A 22 0.38 -3.18 0.16
CA PHE A 22 -0.53 -3.20 -0.97
C PHE A 22 -1.98 -3.35 -0.50
N VAL A 23 -2.74 -2.28 -0.63
CA VAL A 23 -4.11 -2.23 -0.10
C VAL A 23 -5.12 -2.61 -1.17
N GLY A 24 -5.98 -3.56 -0.85
CA GLY A 24 -7.05 -3.97 -1.76
C GLY A 24 -8.42 -3.66 -1.18
N ASN A 25 -9.46 -3.83 -1.99
CA ASN A 25 -10.82 -3.56 -1.56
C ASN A 25 -10.99 -2.10 -1.16
N ILE A 26 -10.37 -1.20 -1.93
CA ILE A 26 -10.49 0.23 -1.69
C ILE A 26 -11.76 0.79 -2.31
N PRO A 27 -12.54 1.50 -1.51
CA PRO A 27 -13.73 2.19 -2.00
C PRO A 27 -13.40 3.10 -3.17
N TYR A 28 -14.19 3.00 -4.24
CA TYR A 28 -13.93 3.76 -5.45
C TYR A 28 -14.13 5.25 -5.23
N GLU A 29 -15.01 5.59 -4.29
CA GLU A 29 -15.31 6.99 -4.00
C GLU A 29 -14.21 7.62 -3.17
N ALA A 30 -13.31 6.79 -2.65
CA ALA A 30 -12.21 7.27 -1.82
C ALA A 30 -11.07 7.80 -2.67
N THR A 31 -10.42 8.87 -2.20
CA THR A 31 -9.28 9.44 -2.89
C THR A 31 -7.97 9.06 -2.21
N GLU A 32 -6.86 9.36 -2.86
CA GLU A 32 -5.55 9.02 -2.33
C GLU A 32 -5.29 9.75 -1.00
N GLU A 33 -5.70 11.01 -0.94
CA GLU A 33 -5.47 11.82 0.24
C GLU A 33 -6.33 11.35 1.42
N GLN A 34 -7.57 10.95 1.11
CA GLN A 34 -8.46 10.39 2.12
C GLN A 34 -7.91 9.09 2.68
N LEU A 35 -7.36 8.26 1.80
CA LEU A 35 -6.72 7.01 2.21
C LEU A 35 -5.48 7.29 3.05
N LYS A 36 -4.68 8.25 2.62
CA LYS A 36 -3.47 8.63 3.34
C LYS A 36 -3.80 9.09 4.76
N ASP A 37 -4.91 9.81 4.90
CA ASP A 37 -5.34 10.32 6.20
C ASP A 37 -5.62 9.18 7.16
N ILE A 38 -6.40 8.21 6.71
CA ILE A 38 -6.81 7.10 7.56
C ILE A 38 -5.67 6.11 7.76
N PHE A 39 -4.69 6.16 6.86
CA PHE A 39 -3.53 5.28 6.94
C PHE A 39 -2.43 5.90 7.79
N SER A 40 -2.45 7.22 7.90
CA SER A 40 -1.50 7.93 8.76
C SER A 40 -1.72 7.61 10.23
N GLU A 41 -2.93 7.11 10.54
CA GLU A 41 -3.26 6.75 11.90
C GLU A 41 -2.40 5.60 12.40
N VAL A 42 -1.92 4.78 11.47
CA VAL A 42 -1.15 3.59 11.81
C VAL A 42 0.28 3.71 11.33
N GLY A 43 0.75 4.95 11.16
CA GLY A 43 2.14 5.20 10.81
C GLY A 43 2.25 6.31 9.77
N PRO A 44 3.29 7.13 9.88
CA PRO A 44 3.52 8.22 8.95
C PRO A 44 3.56 7.72 7.51
N VAL A 45 2.73 8.32 6.66
CA VAL A 45 2.66 7.92 5.25
C VAL A 45 3.47 8.87 4.37
N VAL A 46 4.40 8.29 3.62
CA VAL A 46 5.22 9.07 2.69
C VAL A 46 4.44 9.39 1.42
N SER A 47 3.82 8.38 0.84
CA SER A 47 3.13 8.54 -0.44
C SER A 47 2.08 7.46 -0.64
N PHE A 48 1.35 7.53 -1.74
CA PHE A 48 0.36 6.52 -2.09
C PHE A 48 0.16 6.44 -3.60
N ARG A 49 0.09 5.21 -4.11
CA ARG A 49 -0.12 4.99 -5.54
C ARG A 49 -1.43 4.24 -5.79
N LEU A 50 -2.47 4.98 -6.15
CA LEU A 50 -3.76 4.37 -6.46
C LEU A 50 -3.73 3.64 -7.80
N VAL A 51 -4.17 2.40 -7.81
CA VAL A 51 -4.35 1.65 -9.04
C VAL A 51 -5.74 1.85 -9.61
N TYR A 52 -5.81 2.40 -10.82
CA TYR A 52 -7.09 2.74 -11.45
C TYR A 52 -7.02 2.58 -12.97
N ALA A 53 -8.18 2.50 -13.60
CA ALA A 53 -8.26 2.34 -15.04
C ALA A 53 -7.69 3.55 -15.76
N ARG A 54 -6.70 3.31 -16.62
CA ARG A 54 -6.01 4.39 -17.32
C ARG A 54 -7.00 5.27 -18.07
N GLU A 55 -7.89 4.65 -18.83
CA GLU A 55 -8.78 5.37 -19.73
C GLU A 55 -10.04 5.84 -19.02
N THR A 56 -10.63 4.95 -18.24
CA THR A 56 -11.88 5.26 -17.55
C THR A 56 -11.63 6.20 -16.36
N GLY A 57 -10.59 5.92 -15.59
CA GLY A 57 -10.26 6.72 -14.43
C GLY A 57 -10.87 6.13 -13.16
N LYS A 58 -11.55 5.00 -13.30
CA LYS A 58 -12.19 4.35 -12.18
C LYS A 58 -11.21 3.48 -11.40
N PRO A 59 -11.13 3.71 -10.09
CA PRO A 59 -10.28 2.91 -9.22
C PRO A 59 -10.56 1.42 -9.38
N LYS A 60 -9.51 0.61 -9.34
CA LYS A 60 -9.65 -0.84 -9.39
C LYS A 60 -9.74 -1.44 -8.00
N GLY A 61 -9.65 -0.58 -6.98
CA GLY A 61 -9.79 -1.01 -5.60
C GLY A 61 -8.45 -1.38 -5.00
N TYR A 62 -7.38 -1.04 -5.70
CA TYR A 62 -6.03 -1.38 -5.25
C TYR A 62 -5.14 -0.14 -5.23
N GLY A 63 -4.10 -0.17 -4.41
CA GLY A 63 -3.11 0.89 -4.37
C GLY A 63 -2.06 0.63 -3.30
N PHE A 64 -0.90 1.27 -3.45
CA PHE A 64 0.21 1.07 -2.51
C PHE A 64 0.34 2.24 -1.55
N CYS A 65 0.57 1.93 -0.29
CA CYS A 65 0.78 2.95 0.73
C CYS A 65 2.20 2.89 1.30
N GLU A 66 2.97 3.95 1.07
CA GLU A 66 4.36 3.99 1.49
C GLU A 66 4.52 4.68 2.84
N TYR A 67 5.26 4.04 3.74
CA TYR A 67 5.45 4.57 5.08
C TYR A 67 6.91 4.98 5.31
N GLN A 68 7.13 5.81 6.32
CA GLN A 68 8.48 6.27 6.64
C GLN A 68 9.31 5.16 7.27
N ASP A 69 8.66 4.31 8.06
CA ASP A 69 9.34 3.26 8.78
C ASP A 69 8.79 1.89 8.43
N GLN A 70 9.69 0.96 8.10
CA GLN A 70 9.29 -0.39 7.74
C GLN A 70 8.50 -1.05 8.87
N GLU A 71 8.84 -0.70 10.10
CA GLU A 71 8.17 -1.27 11.26
C GLU A 71 6.72 -0.81 11.35
N THR A 72 6.48 0.44 10.94
CA THR A 72 5.12 0.98 10.93
C THR A 72 4.35 0.53 9.71
N ALA A 73 5.08 0.19 8.64
CA ALA A 73 4.47 -0.40 7.46
C ALA A 73 3.92 -1.78 7.76
N LEU A 74 4.70 -2.59 8.45
CA LEU A 74 4.28 -3.94 8.84
C LEU A 74 3.17 -3.88 9.88
N SER A 75 3.28 -2.94 10.80
CA SER A 75 2.23 -2.70 11.79
C SER A 75 0.94 -2.24 11.12
N ALA A 76 1.07 -1.34 10.15
CA ALA A 76 -0.07 -0.87 9.38
C ALA A 76 -0.72 -2.02 8.60
N MET A 77 0.11 -2.86 8.01
CA MET A 77 -0.38 -4.03 7.28
C MET A 77 -1.37 -4.83 8.11
N ARG A 78 -0.97 -5.17 9.34
CA ARG A 78 -1.80 -5.98 10.22
C ARG A 78 -3.02 -5.20 10.69
N ASN A 79 -2.83 -3.92 10.97
CA ASN A 79 -3.88 -3.08 11.53
C ASN A 79 -4.94 -2.75 10.47
N LEU A 80 -4.50 -2.58 9.23
CA LEU A 80 -5.40 -2.16 8.16
C LEU A 80 -6.08 -3.36 7.52
N ASN A 81 -5.41 -4.50 7.52
CA ASN A 81 -5.97 -5.72 6.96
C ASN A 81 -7.14 -6.22 7.78
N GLY A 82 -8.35 -6.10 7.24
CA GLY A 82 -9.56 -6.52 7.95
C GLY A 82 -10.33 -5.31 8.47
N ARG A 83 -9.74 -4.12 8.30
CA ARG A 83 -10.37 -2.89 8.75
C ARG A 83 -11.51 -2.49 7.82
N GLU A 84 -12.62 -2.04 8.40
CA GLU A 84 -13.76 -1.59 7.62
C GLU A 84 -13.60 -0.14 7.20
N PHE A 85 -13.80 0.14 5.91
CA PHE A 85 -13.74 1.49 5.39
C PHE A 85 -14.80 1.71 4.32
N SER A 86 -15.76 2.58 4.63
CA SER A 86 -16.87 2.84 3.71
C SER A 86 -17.57 1.54 3.30
N GLY A 87 -17.67 0.61 4.25
CA GLY A 87 -18.44 -0.61 4.04
C GLY A 87 -17.56 -1.73 3.48
N ARG A 88 -16.34 -1.38 3.08
CA ARG A 88 -15.43 -2.33 2.48
C ARG A 88 -14.47 -2.92 3.52
N ALA A 89 -14.17 -4.20 3.37
CA ALA A 89 -13.15 -4.84 4.20
C ALA A 89 -11.78 -4.81 3.53
N LEU A 90 -10.89 -3.99 4.05
CA LEU A 90 -9.60 -3.75 3.41
C LEU A 90 -8.72 -4.99 3.46
N ARG A 91 -8.06 -5.28 2.35
CA ARG A 91 -7.12 -6.40 2.28
C ARG A 91 -5.71 -5.91 2.03
N VAL A 92 -4.89 -5.88 3.09
CA VAL A 92 -3.59 -5.23 3.04
C VAL A 92 -2.47 -6.23 3.27
N ASP A 93 -1.58 -6.36 2.29
CA ASP A 93 -0.45 -7.26 2.40
C ASP A 93 0.86 -6.52 2.19
N ASN A 94 1.98 -7.22 2.40
CA ASN A 94 3.29 -6.64 2.21
C ASN A 94 3.60 -6.40 0.73
N ALA A 95 3.89 -5.16 0.38
CA ALA A 95 4.05 -4.77 -1.02
C ALA A 95 5.16 -5.56 -1.68
N ALA A 96 6.13 -5.99 -0.88
CA ALA A 96 7.32 -6.65 -1.40
C ALA A 96 7.03 -8.11 -1.74
N SER A 97 5.85 -8.58 -1.36
CA SER A 97 5.47 -9.98 -1.57
C SER A 97 5.38 -10.29 -3.05
N GLU A 98 5.84 -11.48 -3.44
CA GLU A 98 5.77 -11.92 -4.82
C GLU A 98 4.33 -12.16 -5.25
N LYS A 99 3.47 -12.50 -4.30
CA LYS A 99 2.07 -12.72 -4.57
C LYS A 99 1.38 -11.44 -5.04
N ASN A 100 1.78 -10.32 -4.45
CA ASN A 100 1.26 -9.02 -4.85
C ASN A 100 1.72 -8.64 -6.25
N LYS A 101 2.94 -9.04 -6.58
CA LYS A 101 3.48 -8.84 -7.93
C LYS A 101 2.65 -9.60 -8.96
N GLU A 102 2.21 -10.79 -8.59
CA GLU A 102 1.36 -11.59 -9.46
C GLU A 102 -0.01 -10.94 -9.64
N GLU A 103 -0.50 -10.30 -8.58
CA GLU A 103 -1.73 -9.53 -8.65
C GLU A 103 -1.58 -8.34 -9.60
N LEU A 104 -0.42 -7.70 -9.56
CA LEU A 104 -0.12 -6.59 -10.45
C LEU A 104 -0.14 -7.03 -11.91
N LYS A 105 0.29 -8.26 -12.15
CA LYS A 105 0.26 -8.83 -13.49
C LYS A 105 -1.18 -8.95 -14.01
N SER A 106 -2.08 -9.35 -13.12
CA SER A 106 -3.49 -9.48 -13.48
C SER A 106 -4.17 -8.12 -13.57
N LEU A 107 -3.65 -7.15 -12.80
CA LEU A 107 -4.15 -5.79 -12.85
C LEU A 107 -3.62 -5.06 -14.07
N GLY A 108 -2.40 -5.40 -14.48
CA GLY A 108 -1.75 -4.74 -15.60
C GLY A 108 -1.16 -3.39 -15.19
N THR A 109 -0.71 -3.32 -13.93
CA THR A 109 -0.22 -2.06 -13.38
C THR A 109 1.14 -2.25 -12.72
N GLY A 110 2.05 -1.32 -12.98
CA GLY A 110 3.39 -1.36 -12.39
C GLY A 110 3.66 -0.13 -11.53
N MET A 4 11.75 -11.02 5.06
CA MET A 4 12.68 -10.15 5.77
C MET A 4 11.93 -9.09 6.58
N ALA A 5 10.73 -9.44 7.02
CA ALA A 5 9.89 -8.50 7.76
C ALA A 5 10.52 -8.14 9.11
N GLY A 6 10.90 -6.88 9.25
CA GLY A 6 11.47 -6.38 10.49
C GLY A 6 12.96 -6.72 10.59
N LEU A 7 13.53 -7.16 9.48
CA LEU A 7 14.94 -7.54 9.44
C LEU A 7 15.73 -6.61 8.53
N THR A 8 17.01 -6.43 8.85
CA THR A 8 17.89 -5.59 8.05
C THR A 8 18.30 -6.29 6.76
N VAL A 9 18.21 -5.57 5.64
CA VAL A 9 18.57 -6.12 4.35
C VAL A 9 19.42 -5.14 3.55
N ARG A 10 20.42 -5.66 2.85
CA ARG A 10 21.37 -4.81 2.14
C ARG A 10 20.73 -4.18 0.90
N ASP A 11 19.91 -4.96 0.20
CA ASP A 11 19.28 -4.49 -1.02
C ASP A 11 18.26 -3.39 -0.73
N PRO A 12 18.55 -2.18 -1.22
CA PRO A 12 17.66 -1.05 -1.02
C PRO A 12 16.25 -1.35 -1.55
N ALA A 13 16.19 -2.10 -2.64
CA ALA A 13 14.91 -2.41 -3.27
C ALA A 13 14.02 -3.25 -2.35
N VAL A 14 14.62 -4.23 -1.70
CA VAL A 14 13.90 -5.07 -0.74
C VAL A 14 13.47 -4.27 0.49
N ASP A 15 14.39 -3.45 0.98
CA ASP A 15 14.09 -2.59 2.14
C ASP A 15 12.91 -1.69 1.86
N ARG A 16 12.85 -1.14 0.66
CA ARG A 16 11.75 -0.29 0.25
C ARG A 16 10.43 -1.05 0.22
N SER A 17 10.50 -2.30 -0.25
CA SER A 17 9.32 -3.16 -0.29
C SER A 17 8.92 -3.60 1.11
N LEU A 18 9.88 -3.54 2.04
CA LEU A 18 9.59 -3.80 3.45
C LEU A 18 9.01 -2.57 4.13
N ARG A 19 9.41 -1.39 3.65
CA ARG A 19 8.93 -0.14 4.22
C ARG A 19 7.61 0.29 3.59
N SER A 20 7.09 -0.54 2.70
CA SER A 20 5.87 -0.21 1.96
C SER A 20 4.93 -1.40 1.91
N VAL A 21 3.67 -1.13 1.54
CA VAL A 21 2.65 -2.17 1.48
C VAL A 21 1.87 -2.11 0.17
N PHE A 22 1.21 -3.21 -0.17
CA PHE A 22 0.23 -3.21 -1.25
C PHE A 22 -1.18 -3.21 -0.71
N VAL A 23 -2.03 -2.35 -1.28
CA VAL A 23 -3.38 -2.16 -0.76
C VAL A 23 -4.42 -2.56 -1.80
N GLY A 24 -5.43 -3.32 -1.34
CA GLY A 24 -6.51 -3.75 -2.21
C GLY A 24 -7.86 -3.55 -1.54
N ASN A 25 -8.93 -3.89 -2.26
CA ASN A 25 -10.29 -3.73 -1.75
C ASN A 25 -10.57 -2.27 -1.40
N ILE A 26 -10.07 -1.36 -2.24
CA ILE A 26 -10.27 0.07 -2.02
C ILE A 26 -11.60 0.52 -2.59
N PRO A 27 -12.38 1.24 -1.78
CA PRO A 27 -13.64 1.79 -2.22
C PRO A 27 -13.44 2.92 -3.22
N TYR A 28 -14.24 2.92 -4.28
CA TYR A 28 -14.05 3.86 -5.38
C TYR A 28 -14.43 5.28 -4.96
N GLU A 29 -15.15 5.38 -3.85
CA GLU A 29 -15.60 6.68 -3.35
C GLU A 29 -14.50 7.39 -2.59
N ALA A 30 -13.46 6.65 -2.22
CA ALA A 30 -12.35 7.20 -1.44
C ALA A 30 -11.27 7.76 -2.34
N THR A 31 -10.77 8.95 -1.98
CA THR A 31 -9.66 9.55 -2.70
C THR A 31 -8.33 9.15 -2.08
N GLU A 32 -7.24 9.47 -2.76
CA GLU A 32 -5.90 9.17 -2.26
C GLU A 32 -5.63 9.89 -0.95
N GLU A 33 -6.13 11.12 -0.83
CA GLU A 33 -5.95 11.91 0.38
C GLU A 33 -6.73 11.32 1.55
N GLN A 34 -7.96 10.89 1.27
CA GLN A 34 -8.80 10.28 2.29
C GLN A 34 -8.22 8.97 2.79
N LEU A 35 -7.69 8.17 1.85
CA LEU A 35 -7.03 6.92 2.20
C LEU A 35 -5.75 7.16 2.98
N LYS A 36 -5.00 8.17 2.57
CA LYS A 36 -3.79 8.56 3.29
C LYS A 36 -4.09 8.92 4.74
N ASP A 37 -5.16 9.67 4.95
CA ASP A 37 -5.58 10.05 6.29
C ASP A 37 -5.85 8.81 7.14
N ILE A 38 -6.55 7.83 6.56
CA ILE A 38 -6.77 6.56 7.23
C ILE A 38 -5.47 5.84 7.51
N PHE A 39 -4.55 5.90 6.55
CA PHE A 39 -3.30 5.14 6.63
C PHE A 39 -2.36 5.77 7.65
N SER A 40 -2.53 7.06 7.90
CA SER A 40 -1.70 7.78 8.84
C SER A 40 -1.92 7.31 10.28
N GLU A 41 -3.05 6.63 10.49
CA GLU A 41 -3.44 6.18 11.83
C GLU A 41 -2.47 5.12 12.34
N VAL A 42 -1.79 4.44 11.43
CA VAL A 42 -0.92 3.33 11.79
C VAL A 42 0.54 3.65 11.49
N GLY A 43 0.85 4.94 11.38
CA GLY A 43 2.22 5.39 11.18
C GLY A 43 2.30 6.43 10.08
N PRO A 44 3.37 7.22 10.10
CA PRO A 44 3.57 8.27 9.10
C PRO A 44 3.57 7.69 7.70
N VAL A 45 2.83 8.33 6.80
CA VAL A 45 2.77 7.90 5.41
C VAL A 45 3.69 8.74 4.53
N VAL A 46 4.59 8.06 3.83
CA VAL A 46 5.51 8.75 2.91
C VAL A 46 4.80 9.14 1.62
N SER A 47 4.08 8.20 1.03
CA SER A 47 3.38 8.45 -0.23
C SER A 47 2.43 7.30 -0.56
N PHE A 48 1.27 7.64 -1.11
CA PHE A 48 0.32 6.64 -1.56
C PHE A 48 -0.12 6.90 -3.00
N ARG A 49 -0.29 5.83 -3.76
CA ARG A 49 -0.77 5.94 -5.14
C ARG A 49 -1.93 4.97 -5.39
N LEU A 50 -3.04 5.50 -5.90
CA LEU A 50 -4.20 4.67 -6.23
C LEU A 50 -4.26 4.38 -7.72
N VAL A 51 -4.37 3.10 -8.05
CA VAL A 51 -4.48 2.67 -9.45
C VAL A 51 -5.89 2.85 -9.97
N TYR A 52 -6.03 3.49 -11.13
CA TYR A 52 -7.33 3.68 -11.75
C TYR A 52 -7.50 2.77 -12.95
N ALA A 53 -8.74 2.33 -13.18
CA ALA A 53 -9.06 1.52 -14.34
C ALA A 53 -9.49 2.38 -15.51
N ARG A 54 -8.61 2.54 -16.49
CA ARG A 54 -8.84 3.47 -17.60
C ARG A 54 -9.98 2.99 -18.48
N GLU A 55 -10.28 1.70 -18.42
CA GLU A 55 -11.36 1.11 -19.20
C GLU A 55 -12.71 1.68 -18.79
N THR A 56 -12.79 2.18 -17.56
CA THR A 56 -14.04 2.71 -17.02
C THR A 56 -13.89 4.16 -16.61
N GLY A 57 -12.66 4.55 -16.26
CA GLY A 57 -12.40 5.88 -15.72
C GLY A 57 -12.55 5.91 -14.22
N LYS A 58 -12.84 4.76 -13.62
CA LYS A 58 -13.03 4.66 -12.19
C LYS A 58 -11.85 3.96 -11.52
N PRO A 59 -11.71 4.18 -10.21
CA PRO A 59 -10.64 3.54 -9.45
C PRO A 59 -10.66 2.02 -9.64
N LYS A 60 -9.46 1.44 -9.77
CA LYS A 60 -9.33 -0.01 -9.93
C LYS A 60 -9.65 -0.72 -8.62
N GLY A 61 -9.29 -0.09 -7.50
CA GLY A 61 -9.52 -0.68 -6.19
C GLY A 61 -8.23 -1.19 -5.57
N TYR A 62 -7.12 -0.95 -6.27
CA TYR A 62 -5.81 -1.38 -5.79
C TYR A 62 -4.80 -0.25 -5.84
N GLY A 63 -3.77 -0.34 -5.01
CA GLY A 63 -2.70 0.64 -5.01
C GLY A 63 -1.54 0.20 -4.12
N PHE A 64 -0.71 1.15 -3.72
CA PHE A 64 0.39 0.87 -2.81
C PHE A 64 0.73 2.09 -1.95
N CYS A 65 1.30 1.85 -0.78
CA CYS A 65 1.56 2.91 0.18
C CYS A 65 2.93 2.74 0.83
N GLU A 66 3.72 3.81 0.83
CA GLU A 66 5.03 3.80 1.47
C GLU A 66 4.96 4.40 2.87
N TYR A 67 5.58 3.73 3.83
CA TYR A 67 5.57 4.20 5.21
C TYR A 67 6.96 4.59 5.67
N GLN A 68 7.03 5.29 6.80
CA GLN A 68 8.31 5.76 7.33
C GLN A 68 9.33 4.64 7.38
N ASP A 69 8.94 3.52 7.99
CA ASP A 69 9.87 2.40 8.21
C ASP A 69 9.14 1.07 8.12
N GLN A 70 9.86 0.00 8.42
CA GLN A 70 9.32 -1.35 8.27
C GLN A 70 8.22 -1.61 9.30
N GLU A 71 8.41 -1.10 10.50
CA GLU A 71 7.48 -1.35 11.61
C GLU A 71 6.13 -0.70 11.36
N THR A 72 6.16 0.51 10.79
CA THR A 72 4.93 1.22 10.46
C THR A 72 4.23 0.59 9.27
N ALA A 73 5.02 0.01 8.36
CA ALA A 73 4.48 -0.75 7.24
C ALA A 73 3.84 -2.05 7.72
N LEU A 74 4.52 -2.74 8.63
CA LEU A 74 3.99 -3.97 9.20
C LEU A 74 2.78 -3.69 10.08
N SER A 75 2.82 -2.57 10.79
CA SER A 75 1.68 -2.13 11.59
C SER A 75 0.45 -1.91 10.72
N ALA A 76 0.65 -1.28 9.56
CA ALA A 76 -0.41 -1.14 8.58
C ALA A 76 -0.97 -2.50 8.16
N MET A 77 -0.07 -3.42 7.84
CA MET A 77 -0.46 -4.78 7.46
C MET A 77 -1.31 -5.42 8.55
N ARG A 78 -0.92 -5.21 9.80
CA ARG A 78 -1.54 -5.91 10.93
C ARG A 78 -2.82 -5.21 11.37
N ASN A 79 -2.86 -3.90 11.18
CA ASN A 79 -3.94 -3.08 11.73
C ASN A 79 -5.00 -2.79 10.69
N LEU A 80 -4.57 -2.27 9.54
CA LEU A 80 -5.49 -1.78 8.52
C LEU A 80 -6.20 -2.94 7.82
N ASN A 81 -5.51 -4.06 7.71
CA ASN A 81 -6.04 -5.21 6.98
C ASN A 81 -7.26 -5.80 7.67
N GLY A 82 -8.44 -5.57 7.10
CA GLY A 82 -9.68 -6.09 7.65
C GLY A 82 -10.60 -4.96 8.08
N ARG A 83 -10.05 -3.76 8.18
CA ARG A 83 -10.82 -2.60 8.63
C ARG A 83 -11.75 -2.11 7.53
N GLU A 84 -13.05 -2.06 7.83
CA GLU A 84 -14.04 -1.56 6.89
C GLU A 84 -13.91 -0.06 6.69
N PHE A 85 -13.80 0.36 5.44
CA PHE A 85 -13.75 1.78 5.10
C PHE A 85 -14.68 2.11 3.94
N SER A 86 -15.66 2.97 4.20
CA SER A 86 -16.65 3.33 3.19
C SER A 86 -17.31 2.10 2.60
N GLY A 87 -17.52 1.08 3.43
CA GLY A 87 -18.30 -0.08 3.03
C GLY A 87 -17.42 -1.12 2.33
N ARG A 88 -16.11 -0.95 2.45
CA ARG A 88 -15.16 -1.89 1.88
C ARG A 88 -14.03 -2.21 2.85
N ALA A 89 -13.93 -3.47 3.25
CA ALA A 89 -12.83 -3.91 4.10
C ALA A 89 -11.50 -3.83 3.36
N LEU A 90 -10.62 -2.97 3.85
CA LEU A 90 -9.34 -2.74 3.18
C LEU A 90 -8.37 -3.89 3.42
N ARG A 91 -7.67 -4.29 2.36
CA ARG A 91 -6.62 -5.29 2.48
C ARG A 91 -5.23 -4.67 2.36
N VAL A 92 -4.43 -4.83 3.39
CA VAL A 92 -3.06 -4.32 3.39
C VAL A 92 -2.06 -5.43 3.65
N ASP A 93 -1.24 -5.73 2.64
CA ASP A 93 -0.15 -6.68 2.80
C ASP A 93 1.19 -6.02 2.50
N ASN A 94 2.24 -6.48 3.19
CA ASN A 94 3.59 -5.95 2.98
C ASN A 94 4.04 -6.16 1.55
N ALA A 95 4.63 -5.12 0.96
CA ALA A 95 4.92 -5.11 -0.47
C ALA A 95 6.01 -6.11 -0.82
N ALA A 96 6.71 -6.59 0.19
CA ALA A 96 7.76 -7.58 0.00
C ALA A 96 7.18 -8.94 -0.40
N SER A 97 5.87 -9.10 -0.19
CA SER A 97 5.19 -10.33 -0.53
C SER A 97 5.23 -10.58 -2.04
N GLU A 98 5.83 -11.70 -2.43
CA GLU A 98 5.91 -12.08 -3.84
C GLU A 98 4.55 -12.51 -4.37
N LYS A 99 3.73 -13.08 -3.50
CA LYS A 99 2.39 -13.51 -3.87
C LYS A 99 1.53 -12.32 -4.26
N ASN A 100 1.70 -11.21 -3.54
CA ASN A 100 0.97 -9.98 -3.84
C ASN A 100 1.47 -9.35 -5.13
N LYS A 101 2.75 -9.53 -5.42
CA LYS A 101 3.32 -9.12 -6.70
C LYS A 101 2.69 -9.88 -7.85
N GLU A 102 2.44 -11.17 -7.63
CA GLU A 102 1.79 -12.00 -8.64
C GLU A 102 0.35 -11.57 -8.88
N GLU A 103 -0.31 -11.10 -7.82
CA GLU A 103 -1.64 -10.51 -7.94
C GLU A 103 -1.61 -9.26 -8.80
N LEU A 104 -0.60 -8.43 -8.59
CA LEU A 104 -0.42 -7.22 -9.39
C LEU A 104 -0.21 -7.55 -10.86
N LYS A 105 0.48 -8.66 -11.11
CA LYS A 105 0.70 -9.12 -12.48
C LYS A 105 -0.61 -9.48 -13.15
N SER A 106 -1.51 -10.13 -12.40
CA SER A 106 -2.81 -10.51 -12.91
C SER A 106 -3.72 -9.29 -13.05
N LEU A 107 -3.46 -8.27 -12.23
CA LEU A 107 -4.16 -7.00 -12.35
C LEU A 107 -3.66 -6.19 -13.54
N GLY A 108 -2.38 -6.35 -13.86
CA GLY A 108 -1.76 -5.64 -14.98
C GLY A 108 -1.34 -4.25 -14.57
N THR A 109 -0.81 -4.13 -13.35
CA THR A 109 -0.38 -2.84 -12.82
C THR A 109 0.83 -2.99 -11.91
N GLY A 110 1.63 -1.94 -11.80
CA GLY A 110 2.81 -1.96 -10.94
C GLY A 110 3.65 -0.70 -11.14
N MET A 4 7.55 -9.13 5.74
CA MET A 4 8.45 -8.38 6.62
C MET A 4 9.43 -9.32 7.32
N ALA A 5 10.68 -9.28 6.88
CA ALA A 5 11.72 -10.11 7.45
C ALA A 5 12.10 -9.63 8.85
N GLY A 6 12.22 -8.32 9.01
CA GLY A 6 12.62 -7.74 10.27
C GLY A 6 14.12 -7.85 10.49
N LEU A 7 14.86 -8.01 9.39
CA LEU A 7 16.30 -8.20 9.45
C LEU A 7 17.03 -6.95 8.98
N THR A 8 18.35 -6.93 9.20
CA THR A 8 19.18 -5.82 8.72
C THR A 8 19.16 -5.73 7.20
N VAL A 9 18.88 -4.54 6.69
CA VAL A 9 18.78 -4.33 5.24
C VAL A 9 19.89 -3.42 4.74
N ARG A 10 20.72 -3.95 3.84
CA ARG A 10 21.77 -3.16 3.22
C ARG A 10 21.35 -2.67 1.83
N ASP A 11 20.24 -3.21 1.33
CA ASP A 11 19.74 -2.85 0.01
C ASP A 11 18.56 -1.89 0.11
N PRO A 12 18.76 -0.65 -0.32
CA PRO A 12 17.71 0.36 -0.27
C PRO A 12 16.44 -0.14 -0.94
N ALA A 13 16.60 -0.91 -2.01
CA ALA A 13 15.46 -1.44 -2.76
C ALA A 13 14.60 -2.34 -1.90
N VAL A 14 15.25 -3.18 -1.09
CA VAL A 14 14.54 -4.05 -0.16
C VAL A 14 13.84 -3.24 0.92
N ASP A 15 14.55 -2.25 1.46
CA ASP A 15 13.97 -1.35 2.46
C ASP A 15 12.69 -0.71 1.97
N ARG A 16 12.70 -0.26 0.72
CA ARG A 16 11.53 0.36 0.11
C ARG A 16 10.37 -0.63 0.03
N SER A 17 10.67 -1.86 -0.37
CA SER A 17 9.65 -2.88 -0.54
C SER A 17 9.07 -3.32 0.81
N LEU A 18 9.87 -3.19 1.85
CA LEU A 18 9.42 -3.53 3.20
C LEU A 18 8.54 -2.43 3.78
N ARG A 19 8.93 -1.18 3.53
CA ARG A 19 8.15 -0.04 4.00
C ARG A 19 6.90 0.18 3.15
N SER A 20 6.93 -0.33 1.93
CA SER A 20 5.77 -0.29 1.05
C SER A 20 4.83 -1.47 1.32
N VAL A 21 3.54 -1.19 1.30
CA VAL A 21 2.53 -2.24 1.43
C VAL A 21 1.58 -2.25 0.23
N PHE A 22 1.09 -3.43 -0.12
CA PHE A 22 0.14 -3.57 -1.21
C PHE A 22 -1.28 -3.26 -0.74
N VAL A 23 -1.94 -2.34 -1.45
CA VAL A 23 -3.27 -1.89 -1.05
C VAL A 23 -4.33 -2.37 -2.03
N GLY A 24 -5.31 -3.10 -1.51
CA GLY A 24 -6.42 -3.57 -2.33
C GLY A 24 -7.76 -3.40 -1.63
N ASN A 25 -8.83 -3.79 -2.29
CA ASN A 25 -10.18 -3.65 -1.73
C ASN A 25 -10.44 -2.23 -1.26
N ILE A 26 -10.05 -1.26 -2.08
CA ILE A 26 -10.24 0.14 -1.75
C ILE A 26 -11.70 0.56 -1.91
N PRO A 27 -12.28 1.10 -0.84
CA PRO A 27 -13.66 1.55 -0.86
C PRO A 27 -13.90 2.55 -1.99
N TYR A 28 -15.05 2.43 -2.65
CA TYR A 28 -15.39 3.32 -3.75
C TYR A 28 -15.57 4.75 -3.25
N GLU A 29 -15.81 4.90 -1.95
CA GLU A 29 -15.94 6.22 -1.34
C GLU A 29 -14.58 6.83 -1.04
N ALA A 30 -13.57 5.98 -0.97
CA ALA A 30 -12.23 6.41 -0.57
C ALA A 30 -11.45 6.99 -1.76
N THR A 31 -11.00 8.22 -1.62
CA THR A 31 -10.13 8.84 -2.60
C THR A 31 -8.66 8.70 -2.21
N GLU A 32 -7.77 9.16 -3.09
CA GLU A 32 -6.35 9.16 -2.79
C GLU A 32 -6.04 9.88 -1.49
N GLU A 33 -6.65 11.06 -1.32
CA GLU A 33 -6.43 11.86 -0.13
C GLU A 33 -7.04 11.20 1.10
N GLN A 34 -8.16 10.51 0.90
CA GLN A 34 -8.79 9.76 1.97
C GLN A 34 -7.89 8.62 2.45
N LEU A 35 -7.23 7.95 1.51
CA LEU A 35 -6.29 6.89 1.83
C LEU A 35 -5.09 7.43 2.60
N LYS A 36 -4.65 8.63 2.23
CA LYS A 36 -3.58 9.31 2.95
C LYS A 36 -3.94 9.52 4.41
N ASP A 37 -5.20 9.89 4.65
CA ASP A 37 -5.69 10.07 6.01
C ASP A 37 -5.79 8.75 6.75
N ILE A 38 -6.32 7.74 6.06
CA ILE A 38 -6.52 6.43 6.66
C ILE A 38 -5.20 5.82 7.12
N PHE A 39 -4.22 5.78 6.21
CA PHE A 39 -2.99 5.06 6.45
C PHE A 39 -2.08 5.81 7.42
N SER A 40 -2.32 7.11 7.54
CA SER A 40 -1.56 7.95 8.45
C SER A 40 -1.82 7.59 9.91
N GLU A 41 -2.96 6.94 10.15
CA GLU A 41 -3.39 6.61 11.50
C GLU A 41 -2.46 5.58 12.13
N VAL A 42 -1.77 4.82 11.29
CA VAL A 42 -0.90 3.76 11.77
C VAL A 42 0.56 4.04 11.45
N GLY A 43 0.86 5.31 11.22
CA GLY A 43 2.25 5.75 11.04
C GLY A 43 2.39 6.70 9.87
N PRO A 44 3.44 7.51 9.88
CA PRO A 44 3.69 8.46 8.81
C PRO A 44 3.82 7.76 7.45
N VAL A 45 3.27 8.37 6.41
CA VAL A 45 3.31 7.79 5.07
C VAL A 45 4.08 8.68 4.12
N VAL A 46 4.93 8.06 3.29
CA VAL A 46 5.73 8.80 2.32
C VAL A 46 4.90 9.20 1.12
N SER A 47 4.26 8.23 0.49
CA SER A 47 3.49 8.47 -0.73
C SER A 47 2.75 7.20 -1.18
N PHE A 48 1.76 7.38 -2.04
CA PHE A 48 1.07 6.25 -2.64
C PHE A 48 1.46 6.08 -4.11
N ARG A 49 1.34 4.86 -4.61
CA ARG A 49 1.62 4.57 -6.01
C ARG A 49 0.49 3.77 -6.65
N LEU A 50 -0.07 4.30 -7.74
CA LEU A 50 -1.15 3.63 -8.45
C LEU A 50 -0.63 2.44 -9.24
N VAL A 51 -1.25 1.28 -9.04
CA VAL A 51 -0.96 0.10 -9.84
C VAL A 51 -1.83 0.06 -11.10
N TYR A 52 -1.17 0.03 -12.26
CA TYR A 52 -1.87 0.07 -13.53
C TYR A 52 -1.10 -0.68 -14.62
N ALA A 53 -1.80 -1.09 -15.67
CA ALA A 53 -1.17 -1.80 -16.78
C ALA A 53 -0.11 -0.95 -17.46
N ARG A 54 1.12 -1.46 -17.51
CA ARG A 54 2.22 -0.73 -18.10
C ARG A 54 1.98 -0.49 -19.59
N GLU A 55 1.29 -1.42 -20.23
CA GLU A 55 1.05 -1.36 -21.67
C GLU A 55 -0.01 -0.32 -22.00
N THR A 56 -1.17 -0.44 -21.36
CA THR A 56 -2.33 0.35 -21.72
C THR A 56 -2.49 1.56 -20.80
N GLY A 57 -2.02 1.41 -19.57
CA GLY A 57 -2.13 2.49 -18.57
C GLY A 57 -3.38 2.33 -17.74
N LYS A 58 -4.14 1.28 -17.99
CA LYS A 58 -5.41 1.05 -17.30
C LYS A 58 -5.18 0.62 -15.86
N PRO A 59 -5.71 1.39 -14.92
CA PRO A 59 -5.62 1.06 -13.50
C PRO A 59 -6.15 -0.34 -13.23
N LYS A 60 -5.47 -1.06 -12.35
CA LYS A 60 -5.89 -2.41 -11.98
C LYS A 60 -6.84 -2.38 -10.79
N GLY A 61 -6.97 -1.21 -10.17
CA GLY A 61 -7.82 -1.05 -8.99
C GLY A 61 -7.02 -1.27 -7.72
N TYR A 62 -5.70 -1.17 -7.82
CA TYR A 62 -4.82 -1.38 -6.67
C TYR A 62 -3.78 -0.27 -6.56
N GLY A 63 -3.07 -0.25 -5.45
CA GLY A 63 -2.02 0.73 -5.24
C GLY A 63 -0.99 0.23 -4.22
N PHE A 64 0.10 0.98 -4.06
CA PHE A 64 1.04 0.75 -2.97
C PHE A 64 1.10 1.94 -2.03
N CYS A 65 1.46 1.68 -0.78
CA CYS A 65 1.62 2.75 0.21
C CYS A 65 2.97 2.65 0.92
N GLU A 66 3.86 3.58 0.61
CA GLU A 66 5.19 3.59 1.21
C GLU A 66 5.19 4.34 2.53
N TYR A 67 5.59 3.66 3.59
CA TYR A 67 5.68 4.28 4.91
C TYR A 67 7.08 4.82 5.17
N GLN A 68 7.21 5.66 6.20
CA GLN A 68 8.50 6.24 6.56
C GLN A 68 9.29 5.29 7.47
N ASP A 69 8.65 4.19 7.86
CA ASP A 69 9.29 3.23 8.76
C ASP A 69 8.71 1.83 8.55
N GLN A 70 9.57 0.82 8.60
CA GLN A 70 9.15 -0.56 8.40
C GLN A 70 8.17 -1.01 9.46
N GLU A 71 8.34 -0.49 10.67
CA GLU A 71 7.49 -0.85 11.79
C GLU A 71 6.06 -0.36 11.60
N THR A 72 5.93 0.78 10.93
CA THR A 72 4.62 1.36 10.64
C THR A 72 3.97 0.67 9.45
N ALA A 73 4.78 0.19 8.53
CA ALA A 73 4.31 -0.63 7.42
C ALA A 73 3.81 -1.98 7.92
N LEU A 74 4.56 -2.59 8.84
CA LEU A 74 4.14 -3.83 9.48
C LEU A 74 2.84 -3.63 10.27
N SER A 75 2.80 -2.57 11.07
CA SER A 75 1.61 -2.25 11.84
C SER A 75 0.40 -2.05 10.92
N ALA A 76 0.62 -1.36 9.81
CA ALA A 76 -0.43 -1.12 8.83
C ALA A 76 -1.02 -2.44 8.33
N MET A 77 -0.15 -3.38 7.96
CA MET A 77 -0.59 -4.69 7.53
C MET A 77 -1.46 -5.37 8.58
N ARG A 78 -1.07 -5.25 9.84
CA ARG A 78 -1.76 -5.93 10.92
C ARG A 78 -3.06 -5.21 11.28
N ASN A 79 -3.05 -3.89 11.17
CA ASN A 79 -4.13 -3.06 11.68
C ASN A 79 -5.18 -2.79 10.61
N LEU A 80 -4.72 -2.30 9.46
CA LEU A 80 -5.62 -1.81 8.42
C LEU A 80 -6.28 -2.97 7.67
N ASN A 81 -5.56 -4.09 7.59
CA ASN A 81 -6.04 -5.25 6.84
C ASN A 81 -7.23 -5.91 7.53
N GLY A 82 -8.39 -5.78 6.91
CA GLY A 82 -9.62 -6.35 7.47
C GLY A 82 -10.48 -5.27 8.13
N ARG A 83 -9.95 -4.05 8.17
CA ARG A 83 -10.68 -2.93 8.75
C ARG A 83 -11.80 -2.46 7.83
N GLU A 84 -12.98 -2.28 8.40
CA GLU A 84 -14.18 -1.97 7.61
C GLU A 84 -14.28 -0.48 7.33
N PHE A 85 -14.39 -0.14 6.05
CA PHE A 85 -14.64 1.24 5.65
C PHE A 85 -15.90 1.36 4.82
N SER A 86 -16.97 1.84 5.44
CA SER A 86 -18.26 1.96 4.77
C SER A 86 -18.71 0.63 4.18
N GLY A 87 -18.40 -0.45 4.88
CA GLY A 87 -18.87 -1.77 4.49
C GLY A 87 -17.77 -2.58 3.81
N ARG A 88 -16.80 -1.87 3.25
CA ARG A 88 -15.72 -2.50 2.48
C ARG A 88 -14.48 -2.71 3.33
N ALA A 89 -14.10 -3.97 3.50
CA ALA A 89 -12.89 -4.31 4.24
C ALA A 89 -11.64 -4.00 3.43
N LEU A 90 -10.76 -3.18 4.00
CA LEU A 90 -9.54 -2.77 3.31
C LEU A 90 -8.46 -3.84 3.40
N ARG A 91 -7.81 -4.12 2.27
CA ARG A 91 -6.71 -5.07 2.24
C ARG A 91 -5.37 -4.35 2.23
N VAL A 92 -4.55 -4.62 3.25
CA VAL A 92 -3.18 -4.11 3.31
C VAL A 92 -2.19 -5.24 3.56
N ASP A 93 -1.41 -5.56 2.55
CA ASP A 93 -0.38 -6.59 2.67
C ASP A 93 1.02 -5.99 2.54
N ASN A 94 1.97 -6.55 3.26
CA ASN A 94 3.36 -6.14 3.15
C ASN A 94 3.97 -6.59 1.83
N ALA A 95 4.52 -5.65 1.07
CA ALA A 95 4.95 -5.90 -0.29
C ALA A 95 6.33 -6.56 -0.32
N ALA A 96 6.46 -7.67 0.38
CA ALA A 96 7.73 -8.39 0.42
C ALA A 96 7.74 -9.55 -0.56
N SER A 97 6.57 -9.86 -1.12
CA SER A 97 6.44 -10.94 -2.08
C SER A 97 7.03 -10.56 -3.44
N GLU A 98 7.45 -11.56 -4.20
CA GLU A 98 8.06 -11.34 -5.50
C GLU A 98 7.04 -10.81 -6.51
N LYS A 99 5.79 -11.23 -6.35
CA LYS A 99 4.71 -10.75 -7.20
C LYS A 99 4.50 -9.25 -7.06
N ASN A 100 4.51 -8.78 -5.82
CA ASN A 100 4.35 -7.35 -5.54
C ASN A 100 5.55 -6.56 -6.02
N LYS A 101 6.73 -7.18 -5.95
CA LYS A 101 7.94 -6.58 -6.50
C LYS A 101 7.83 -6.36 -7.99
N GLU A 102 7.28 -7.35 -8.69
CA GLU A 102 7.12 -7.28 -10.14
C GLU A 102 6.10 -6.19 -10.52
N GLU A 103 5.08 -6.02 -9.68
CA GLU A 103 4.10 -4.97 -9.88
C GLU A 103 4.74 -3.59 -9.70
N LEU A 104 5.64 -3.48 -8.75
CA LEU A 104 6.41 -2.25 -8.56
C LEU A 104 7.30 -1.97 -9.76
N LYS A 105 7.91 -3.03 -10.29
CA LYS A 105 8.78 -2.91 -11.46
C LYS A 105 8.03 -2.32 -12.65
N SER A 106 6.77 -2.72 -12.81
CA SER A 106 5.95 -2.26 -13.91
C SER A 106 5.62 -0.78 -13.77
N LEU A 107 5.80 -0.25 -12.56
CA LEU A 107 5.53 1.15 -12.28
C LEU A 107 6.81 1.98 -12.35
N GLY A 108 7.92 1.32 -12.62
CA GLY A 108 9.22 1.98 -12.68
C GLY A 108 9.82 2.14 -11.29
N THR A 109 9.43 1.26 -10.38
CA THR A 109 9.90 1.32 -9.00
C THR A 109 10.81 0.15 -8.67
N GLY A 110 11.98 0.44 -8.13
CA GLY A 110 12.94 -0.60 -7.77
C GLY A 110 14.35 -0.03 -7.68
#